data_9F90
#
_entry.id   9F90
#
_cell.length_a   184.072
_cell.length_b   66.859
_cell.length_c   109.410
_cell.angle_alpha   90.000
_cell.angle_beta   103.870
_cell.angle_gamma   90.000
#
_symmetry.space_group_name_H-M   'C 1 2 1'
#
loop_
_entity.id
_entity.type
_entity.pdbx_description
1 polymer 'Motavizumab Fab light chain'
2 polymer 'Motavizumab Fab heavy chain'
3 polymer 'RSVF-multi-epitope designed scaffold'
4 non-polymer 'POTASSIUM ION'
5 water water
#
loop_
_entity_poly.entity_id
_entity_poly.type
_entity_poly.pdbx_seq_one_letter_code
_entity_poly.pdbx_strand_id
1 'polypeptide(L)'
;DIQMTQSPSTLSASVGDRVTITCSASSRVGYMHWYQQKPGKAPKLLIYDTSKLASGVPSRFSGSGSGTEFTLTISSLQPD
DFATYYCFQGSGYPFTFGGGTKVEIKRTVAAPSVFIFPPSDEQLKSGTASVVCLLNNFYPREAKVQWKVDNALQSGNSQE
SVTEQDSKDSTYSLSSTLTLSKADYEKHKVYACEVTHQGLSSPVTKSFNRGGE
;
B,C
2 'polypeptide(L)'
;QVTLRESGPALVKPTQTLTLTCTFSGFSLSTAGMSVGWIRQPPGKALEWLADIWWDDKKHYNPSLKDRLTISKDTSKNQV
VLKVTNMDPADTATYYCARDMIFNFYFDVWGQGTTVTVSSASTKGPSVFPLAPSSKSTSGGTAALGCLVKDYFPEPVTVS
WNSGALTSGVHTFPAVLQSSGLYSLSSVVTVPSSSLGTQTYICNVNHKPSNTKVDKKVEPKSCDK
;
A,D
3 'polypeptide(L)'
;MGWHHHHHHENLYFQGASMKYMLVKADDYYFLLPPKDVEKIESALKSTNKAVVSFFDKENNKTYEFTFNKDLVVTEVRET
DKNRGIIKTFSVKEVKFFDNKEELLEYINDLPISNDDKKLLSNNIDEFLVVKAK
;
H,G
#
loop_
_chem_comp.id
_chem_comp.type
_chem_comp.name
_chem_comp.formula
K non-polymer 'POTASSIUM ION' 'K 1'
#
# COMPACT_ATOMS: atom_id res chain seq x y z
N ASP A 1 15.55 12.53 20.73
CA ASP A 1 14.25 12.64 20.08
C ASP A 1 14.02 11.47 19.13
N ILE A 2 12.96 10.72 19.38
CA ILE A 2 12.66 9.51 18.61
C ILE A 2 11.71 9.88 17.47
N GLN A 3 12.21 9.80 16.24
CA GLN A 3 11.41 10.00 15.05
C GLN A 3 11.07 8.66 14.41
N MET A 4 9.99 8.66 13.64
CA MET A 4 9.37 7.41 13.22
C MET A 4 8.90 7.53 11.78
N THR A 5 9.38 6.64 10.92
CA THR A 5 9.01 6.64 9.51
C THR A 5 8.01 5.52 9.25
N GLN A 6 6.81 5.88 8.84
CA GLN A 6 5.75 4.93 8.55
C GLN A 6 5.69 4.65 7.06
N SER A 7 5.39 3.39 6.71
CA SER A 7 5.40 2.99 5.31
C SER A 7 4.39 1.89 5.06
N PRO A 8 3.65 1.94 3.93
CA PRO A 8 3.72 2.92 2.86
C PRO A 8 2.98 4.20 3.20
N SER A 9 3.05 5.23 2.35
CA SER A 9 2.27 6.44 2.58
C SER A 9 0.81 6.20 2.21
N THR A 10 0.56 5.42 1.16
CA THR A 10 -0.78 5.12 0.70
C THR A 10 -0.84 3.66 0.26
N LEU A 11 -2.02 3.08 0.39
CA LEU A 11 -2.18 1.66 0.13
C LEU A 11 -3.61 1.38 -0.28
N SER A 12 -3.80 0.60 -1.32
CA SER A 12 -5.13 0.19 -1.78
C SER A 12 -5.16 -1.32 -1.87
N ALA A 13 -6.09 -1.94 -1.15
CA ALA A 13 -6.22 -3.39 -1.12
C ALA A 13 -7.69 -3.77 -1.15
N SER A 14 -7.97 -4.95 -1.68
CA SER A 14 -9.33 -5.45 -1.76
C SER A 14 -9.80 -5.92 -0.40
N VAL A 15 -11.12 -5.98 -0.24
CA VAL A 15 -11.71 -6.58 0.95
C VAL A 15 -11.24 -8.02 1.06
N GLY A 16 -10.80 -8.41 2.26
CA GLY A 16 -10.27 -9.72 2.49
C GLY A 16 -8.77 -9.85 2.35
N ASP A 17 -8.10 -8.85 1.78
CA ASP A 17 -6.66 -8.88 1.66
C ASP A 17 -6.00 -8.79 3.03
N ARG A 18 -4.69 -9.07 3.07
CA ARG A 18 -3.89 -8.95 4.28
C ARG A 18 -3.01 -7.72 4.14
N VAL A 19 -3.26 -6.73 4.99
CA VAL A 19 -2.59 -5.43 4.92
C VAL A 19 -1.50 -5.36 5.97
N THR A 20 -0.32 -4.90 5.56
CA THR A 20 0.83 -4.77 6.44
C THR A 20 1.36 -3.35 6.37
N ILE A 21 1.52 -2.71 7.52
CA ILE A 21 2.11 -1.39 7.64
C ILE A 21 3.32 -1.51 8.54
N THR A 22 4.37 -0.73 8.24
CA THR A 22 5.63 -0.81 8.97
C THR A 22 5.99 0.54 9.56
N CYS A 23 6.48 0.53 10.79
CA CYS A 23 6.98 1.71 11.49
C CYS A 23 8.45 1.48 11.82
N SER A 24 9.31 2.37 11.33
CA SER A 24 10.77 2.28 11.60
C SER A 24 11.19 3.46 12.48
N ALA A 25 11.59 3.20 13.72
CA ALA A 25 11.93 4.24 14.67
C ALA A 25 13.38 4.67 14.49
N SER A 26 13.66 5.91 14.94
CA SER A 26 15.00 6.44 14.85
C SER A 26 15.94 5.89 15.92
N SER A 27 15.39 5.33 16.99
CA SER A 27 16.19 4.66 18.02
C SER A 27 15.36 3.53 18.61
N ARG A 28 16.02 2.69 19.41
CA ARG A 28 15.35 1.56 20.02
C ARG A 28 14.20 2.02 20.91
N VAL A 29 13.11 1.25 20.90
CA VAL A 29 11.90 1.60 21.64
C VAL A 29 11.34 0.32 22.27
N GLY A 30 10.89 0.44 23.52
CA GLY A 30 10.36 -0.73 24.22
C GLY A 30 9.07 -1.25 23.62
N TYR A 31 8.12 -0.36 23.34
CA TYR A 31 6.81 -0.77 22.85
C TYR A 31 6.31 0.16 21.75
N MET A 32 5.60 -0.40 20.78
CA MET A 32 4.97 0.43 19.73
C MET A 32 3.46 0.37 19.91
N HIS A 33 2.80 1.48 19.61
CA HIS A 33 1.38 1.68 19.80
C HIS A 33 0.77 2.17 18.50
N TRP A 34 -0.38 1.57 18.19
CA TRP A 34 -1.01 1.85 16.89
C TRP A 34 -2.41 2.45 17.07
N TYR A 35 -2.71 3.47 16.29
CA TYR A 35 -3.99 4.15 16.33
C TYR A 35 -4.62 4.15 14.95
N GLN A 36 -5.95 4.13 14.90
CA GLN A 36 -6.67 4.25 13.60
C GLN A 36 -7.57 5.47 13.68
N GLN A 37 -7.41 6.39 12.72
CA GLN A 37 -8.22 7.65 12.71
C GLN A 37 -9.06 7.72 11.46
N LYS A 38 -10.36 7.55 11.60
CA LYS A 38 -11.23 7.76 10.42
C LYS A 38 -11.22 9.28 10.19
N PRO A 39 -11.60 9.80 9.01
CA PRO A 39 -11.47 11.23 8.74
C PRO A 39 -12.44 12.14 9.51
N GLY A 40 -11.92 13.20 10.11
CA GLY A 40 -12.76 14.14 10.87
C GLY A 40 -13.00 13.68 12.28
N LYS A 41 -12.58 12.45 12.59
CA LYS A 41 -12.84 11.87 13.92
C LYS A 41 -11.53 11.76 14.67
N ALA A 42 -11.61 11.36 15.92
CA ALA A 42 -10.41 11.31 16.76
C ALA A 42 -9.81 9.92 16.70
N PRO A 43 -8.49 9.82 16.94
CA PRO A 43 -7.84 8.53 16.90
C PRO A 43 -8.40 7.49 17.87
N LYS A 44 -8.34 6.21 17.48
CA LYS A 44 -8.79 5.12 18.33
C LYS A 44 -7.64 4.14 18.49
N LEU A 45 -7.29 3.84 19.74
CA LEU A 45 -6.18 2.93 20.02
C LEU A 45 -6.50 1.54 19.49
N LEU A 46 -5.63 1.05 18.62
CA LEU A 46 -5.87 -0.28 18.00
C LEU A 46 -5.02 -1.34 18.70
N ILE A 47 -3.71 -1.18 18.62
CA ILE A 47 -2.78 -2.16 19.24
C ILE A 47 -1.86 -1.42 20.21
N TYR A 48 -1.68 -2.00 21.41
CA TYR A 48 -0.82 -1.37 22.44
C TYR A 48 0.31 -2.32 22.83
N ASP A 49 1.34 -1.74 23.41
CA ASP A 49 2.49 -2.55 23.85
C ASP A 49 2.91 -3.52 22.76
N THR A 50 3.11 -2.97 21.56
CA THR A 50 3.64 -3.72 20.39
C THR A 50 2.69 -4.78 19.82
N SER A 51 2.09 -5.63 20.65
CA SER A 51 1.33 -6.78 20.11
C SER A 51 0.07 -7.07 20.94
N LYS A 52 -0.53 -6.05 21.53
CA LYS A 52 -1.71 -6.30 22.41
C LYS A 52 -2.93 -5.61 21.80
N LEU A 53 -4.03 -6.35 21.68
CA LEU A 53 -5.26 -5.82 21.06
C LEU A 53 -6.00 -4.99 22.10
N ALA A 54 -6.44 -3.80 21.71
CA ALA A 54 -7.22 -2.97 22.63
C ALA A 54 -8.58 -3.63 22.78
N SER A 55 -9.26 -3.32 23.88
CA SER A 55 -10.54 -3.99 24.15
C SER A 55 -11.59 -3.45 23.18
N GLY A 56 -12.33 -4.35 22.54
CA GLY A 56 -13.34 -3.95 21.58
C GLY A 56 -12.84 -3.77 20.16
N VAL A 57 -11.58 -4.08 19.90
CA VAL A 57 -11.01 -3.93 18.53
C VAL A 57 -11.07 -5.32 17.89
N PRO A 58 -11.45 -5.46 16.61
CA PRO A 58 -11.61 -6.78 16.03
C PRO A 58 -10.31 -7.60 15.95
N SER A 59 -10.43 -8.92 16.07
CA SER A 59 -9.27 -9.83 16.10
C SER A 59 -8.51 -9.79 14.78
N ARG A 60 -9.08 -9.11 13.79
CA ARG A 60 -8.47 -9.04 12.44
C ARG A 60 -7.19 -8.22 12.54
N PHE A 61 -7.09 -7.39 13.57
CA PHE A 61 -5.92 -6.50 13.74
C PHE A 61 -4.89 -7.15 14.66
N SER A 62 -3.61 -6.98 14.38
CA SER A 62 -2.53 -7.53 15.18
C SER A 62 -1.27 -6.69 14.93
N GLY A 63 -0.30 -6.85 15.81
CA GLY A 63 0.93 -6.09 15.70
C GLY A 63 2.13 -6.93 16.05
N SER A 64 3.30 -6.51 15.60
CA SER A 64 4.52 -7.31 15.81
C SER A 64 5.71 -6.37 15.76
N GLY A 65 6.86 -6.82 16.23
CA GLY A 65 8.06 -5.98 16.10
C GLY A 65 8.92 -5.94 17.34
N SER A 66 10.03 -5.22 17.24
CA SER A 66 10.95 -5.06 18.36
C SER A 66 12.04 -4.07 17.99
N GLY A 67 12.60 -3.38 18.98
CA GLY A 67 13.69 -2.45 18.73
C GLY A 67 13.29 -1.24 17.92
N THR A 68 13.65 -1.24 16.63
CA THR A 68 13.35 -0.12 15.74
C THR A 68 12.48 -0.50 14.56
N GLU A 69 11.94 -1.71 14.54
CA GLU A 69 11.13 -2.18 13.42
C GLU A 69 9.84 -2.78 13.95
N PHE A 70 8.73 -2.16 13.57
CA PHE A 70 7.41 -2.61 14.08
C PHE A 70 6.41 -2.71 12.93
N THR A 71 5.39 -3.53 13.09
CA THR A 71 4.42 -3.76 12.00
C THR A 71 2.99 -3.88 12.52
N LEU A 72 2.04 -3.39 11.76
CA LEU A 72 0.62 -3.55 12.08
C LEU A 72 -0.03 -4.34 10.96
N THR A 73 -0.84 -5.34 11.29
CA THR A 73 -1.38 -6.23 10.23
C THR A 73 -2.89 -6.40 10.31
N ILE A 74 -3.55 -6.45 9.16
CA ILE A 74 -5.01 -6.75 9.11
C ILE A 74 -5.17 -8.05 8.32
N SER A 75 -5.57 -9.12 8.99
CA SER A 75 -5.76 -10.45 8.38
C SER A 75 -6.75 -10.39 7.23
N SER A 76 -8.00 -10.05 7.52
CA SER A 76 -9.03 -9.87 6.46
C SER A 76 -9.48 -8.42 6.48
N LEU A 77 -9.12 -7.66 5.45
CA LEU A 77 -9.46 -6.26 5.36
C LEU A 77 -10.96 -6.09 5.11
N GLN A 78 -11.61 -5.28 5.94
CA GLN A 78 -13.04 -5.04 5.87
C GLN A 78 -13.32 -3.63 5.33
N PRO A 79 -14.51 -3.37 4.79
CA PRO A 79 -14.77 -2.01 4.27
C PRO A 79 -14.67 -0.92 5.31
N ASP A 80 -15.01 -1.22 6.56
CA ASP A 80 -14.99 -0.22 7.66
C ASP A 80 -13.55 0.15 8.03
N ASP A 81 -12.57 -0.57 7.51
CA ASP A 81 -11.16 -0.35 7.90
C ASP A 81 -10.55 0.81 7.14
N PHE A 82 -11.32 1.50 6.32
CA PHE A 82 -10.79 2.70 5.69
C PHE A 82 -10.45 3.73 6.75
N ALA A 83 -9.17 4.14 6.79
CA ALA A 83 -8.72 5.15 7.75
C ALA A 83 -7.28 5.55 7.48
N THR A 84 -6.74 6.38 8.36
CA THR A 84 -5.30 6.63 8.43
C THR A 84 -4.77 6.02 9.72
N TYR A 85 -3.66 5.31 9.63
CA TYR A 85 -3.10 4.59 10.76
C TYR A 85 -1.78 5.25 11.18
N TYR A 86 -1.56 5.34 12.49
CA TYR A 86 -0.45 6.08 13.07
C TYR A 86 0.25 5.22 14.11
N CYS A 87 1.57 5.10 13.99
CA CYS A 87 2.38 4.46 15.02
C CYS A 87 2.86 5.53 16.00
N PHE A 88 2.74 5.22 17.29
CA PHE A 88 3.01 6.17 18.35
C PHE A 88 3.94 5.52 19.38
N GLN A 89 4.89 6.31 19.89
CA GLN A 89 5.80 5.86 20.92
C GLN A 89 5.63 6.73 22.17
N GLY A 90 5.67 6.09 23.33
CA GLY A 90 5.64 6.81 24.59
C GLY A 90 6.89 6.53 25.41
N SER A 91 7.88 5.97 24.76
CA SER A 91 9.07 5.51 25.50
C SER A 91 9.94 6.68 25.92
N GLY A 92 9.83 7.78 25.20
CA GLY A 92 10.62 8.95 25.53
C GLY A 92 9.98 10.26 25.15
N TYR A 93 10.09 11.25 26.03
CA TYR A 93 9.60 12.58 25.71
C TYR A 93 10.57 13.26 24.74
N PRO A 94 10.10 13.95 23.68
CA PRO A 94 8.68 14.20 23.47
C PRO A 94 7.97 13.03 22.79
N PHE A 95 6.72 12.77 23.17
CA PHE A 95 5.94 11.75 22.49
C PHE A 95 5.79 12.12 21.03
N THR A 96 5.97 11.14 20.14
CA THR A 96 5.97 11.41 18.71
C THR A 96 5.12 10.38 17.98
N PHE A 97 4.45 10.84 16.92
CA PHE A 97 3.68 9.96 16.05
C PHE A 97 4.47 9.66 14.78
N GLY A 98 3.93 8.74 14.00
CA GLY A 98 4.42 8.53 12.66
C GLY A 98 3.70 9.41 11.65
N GLY A 99 4.21 9.40 10.42
CA GLY A 99 3.62 10.21 9.38
C GLY A 99 2.20 9.80 9.00
N GLY A 100 1.82 8.57 9.31
CA GLY A 100 0.51 8.08 8.97
C GLY A 100 0.52 7.24 7.69
N THR A 101 -0.46 6.36 7.57
CA THR A 101 -0.61 5.51 6.39
C THR A 101 -2.08 5.49 6.00
N LYS A 102 -2.38 5.98 4.80
CA LYS A 102 -3.78 6.03 4.31
C LYS A 102 -4.12 4.71 3.63
N VAL A 103 -5.12 4.04 4.16
CA VAL A 103 -5.53 2.73 3.66
C VAL A 103 -6.85 2.90 2.94
N GLU A 104 -6.82 2.72 1.63
CA GLU A 104 -8.01 2.81 0.78
C GLU A 104 -8.42 1.42 0.34
N ILE A 105 -9.72 1.19 0.24
CA ILE A 105 -10.26 -0.11 -0.15
C ILE A 105 -10.47 -0.13 -1.66
N LYS A 106 -9.97 -1.18 -2.31
CA LYS A 106 -10.21 -1.38 -3.73
C LYS A 106 -11.41 -2.29 -3.92
N ARG A 107 -12.33 -1.89 -4.81
CA ARG A 107 -13.53 -2.64 -5.09
C ARG A 107 -13.76 -2.64 -6.60
N THR A 108 -14.82 -3.32 -7.02
CA THR A 108 -15.19 -3.32 -8.43
C THR A 108 -15.67 -1.94 -8.84
N VAL A 109 -15.54 -1.66 -10.15
CA VAL A 109 -15.89 -0.34 -10.68
C VAL A 109 -17.40 -0.14 -10.58
N ALA A 110 -17.80 1.08 -10.23
CA ALA A 110 -19.21 1.46 -10.16
C ALA A 110 -19.37 2.87 -10.72
N ALA A 111 -20.46 3.08 -11.50
CA ALA A 111 -20.72 4.30 -12.23
C ALA A 111 -21.45 5.33 -11.38
N PRO A 112 -21.21 6.62 -11.61
CA PRO A 112 -21.85 7.66 -10.79
C PRO A 112 -23.30 7.90 -11.22
N SER A 113 -24.14 8.18 -10.22
CA SER A 113 -25.54 8.58 -10.53
C SER A 113 -25.55 10.10 -10.53
N VAL A 114 -25.88 10.73 -11.66
CA VAL A 114 -25.73 12.22 -11.76
C VAL A 114 -27.05 12.94 -11.50
N PHE A 115 -27.02 13.94 -10.63
CA PHE A 115 -28.17 14.80 -10.39
C PHE A 115 -27.72 16.25 -10.51
N ILE A 116 -28.63 17.10 -11.00
CA ILE A 116 -28.37 18.53 -11.11
C ILE A 116 -29.46 19.29 -10.35
N PHE A 117 -29.05 20.33 -9.64
CA PHE A 117 -29.94 21.15 -8.86
C PHE A 117 -29.84 22.61 -9.32
N PRO A 118 -30.95 23.24 -9.68
CA PRO A 118 -30.91 24.67 -10.02
C PRO A 118 -30.86 25.51 -8.76
N PRO A 119 -30.43 26.77 -8.86
CA PRO A 119 -30.41 27.63 -7.66
C PRO A 119 -31.80 27.91 -7.15
N SER A 120 -31.94 27.92 -5.82
CA SER A 120 -33.23 28.23 -5.21
C SER A 120 -33.62 29.67 -5.47
N ASP A 121 -34.93 29.93 -5.47
CA ASP A 121 -35.41 31.29 -5.64
C ASP A 121 -34.93 32.19 -4.51
N GLU A 122 -34.86 31.63 -3.30
CA GLU A 122 -34.40 32.40 -2.14
C GLU A 122 -33.01 32.97 -2.37
N GLN A 123 -32.10 32.15 -2.89
CA GLN A 123 -30.75 32.63 -3.19
C GLN A 123 -30.74 33.55 -4.41
N LEU A 124 -31.67 33.36 -5.34
CA LEU A 124 -31.75 34.24 -6.50
C LEU A 124 -32.21 35.64 -6.11
N LYS A 125 -33.04 35.76 -5.07
CA LYS A 125 -33.42 37.08 -4.58
C LYS A 125 -32.20 37.92 -4.26
N SER A 126 -31.23 37.33 -3.55
CA SER A 126 -30.05 38.04 -3.09
C SER A 126 -29.02 38.29 -4.18
N GLY A 127 -29.26 37.81 -5.40
CA GLY A 127 -28.40 38.15 -6.52
C GLY A 127 -27.22 37.25 -6.75
N THR A 128 -27.30 35.98 -6.38
CA THR A 128 -26.23 35.02 -6.62
C THR A 128 -26.85 33.67 -6.93
N ALA A 129 -26.34 32.99 -7.95
CA ALA A 129 -26.86 31.71 -8.40
C ALA A 129 -25.83 30.61 -8.12
N SER A 130 -26.27 29.56 -7.42
CA SER A 130 -25.43 28.41 -7.11
C SER A 130 -26.07 27.17 -7.71
N VAL A 131 -25.50 26.67 -8.80
CA VAL A 131 -25.92 25.43 -9.45
C VAL A 131 -25.05 24.30 -8.92
N VAL A 132 -25.68 23.22 -8.47
CA VAL A 132 -24.99 22.12 -7.80
C VAL A 132 -25.12 20.86 -8.66
N CYS A 133 -24.06 20.06 -8.67
CA CYS A 133 -24.02 18.81 -9.40
C CYS A 133 -23.54 17.71 -8.47
N LEU A 134 -24.33 16.66 -8.33
CA LEU A 134 -24.02 15.53 -7.46
C LEU A 134 -23.64 14.33 -8.30
N LEU A 135 -22.54 13.66 -7.94
CA LEU A 135 -22.11 12.46 -8.64
C LEU A 135 -22.45 11.18 -7.87
N ASN A 136 -22.92 11.30 -6.64
CA ASN A 136 -23.40 10.18 -5.82
C ASN A 136 -22.32 9.12 -5.73
N ASN A 137 -22.71 7.85 -5.58
CA ASN A 137 -21.78 6.78 -5.22
C ASN A 137 -21.15 6.19 -6.48
N PHE A 138 -19.82 6.18 -6.52
CA PHE A 138 -19.09 5.65 -7.67
C PHE A 138 -17.71 5.21 -7.22
N TYR A 139 -17.15 4.25 -7.95
CA TYR A 139 -15.78 3.79 -7.78
C TYR A 139 -15.21 3.50 -9.16
N PRO A 140 -13.96 3.90 -9.44
CA PRO A 140 -12.99 4.54 -8.54
C PRO A 140 -13.25 6.01 -8.26
N ARG A 141 -12.28 6.66 -7.61
CA ARG A 141 -12.44 8.04 -7.14
C ARG A 141 -12.38 9.04 -8.28
N GLU A 142 -11.67 8.71 -9.36
CA GLU A 142 -11.38 9.67 -10.40
C GLU A 142 -12.61 9.91 -11.26
N ALA A 143 -12.93 11.17 -11.50
CA ALA A 143 -14.13 11.51 -12.28
C ALA A 143 -13.95 12.92 -12.84
N LYS A 144 -14.55 13.19 -13.99
CA LYS A 144 -14.50 14.55 -14.56
C LYS A 144 -15.90 15.16 -14.56
N VAL A 145 -16.04 16.34 -13.97
CA VAL A 145 -17.33 17.07 -14.06
C VAL A 145 -17.07 18.31 -14.91
N GLN A 146 -17.80 18.43 -16.01
CA GLN A 146 -17.66 19.63 -16.88
C GLN A 146 -18.97 20.40 -16.86
N TRP A 147 -18.89 21.68 -16.50
CA TRP A 147 -20.04 22.58 -16.47
C TRP A 147 -20.24 23.20 -17.85
N LYS A 148 -21.48 23.20 -18.29
CA LYS A 148 -21.81 23.80 -19.60
C LYS A 148 -22.99 24.75 -19.47
N VAL A 149 -22.79 26.02 -19.80
CA VAL A 149 -23.86 27.03 -19.85
C VAL A 149 -24.11 27.37 -21.31
N ASP A 150 -25.36 27.17 -21.75
CA ASP A 150 -25.74 27.29 -23.16
C ASP A 150 -24.68 26.67 -24.06
N ASN A 151 -24.24 25.47 -23.68
CA ASN A 151 -23.24 24.68 -24.39
C ASN A 151 -21.85 25.33 -24.40
N ALA A 152 -21.55 26.17 -23.42
CA ALA A 152 -20.23 26.77 -23.29
C ALA A 152 -19.53 26.16 -22.07
N LEU A 153 -18.33 25.63 -22.32
CA LEU A 153 -17.55 25.00 -21.24
C LEU A 153 -17.16 26.06 -20.22
N GLN A 154 -17.37 25.75 -18.95
CA GLN A 154 -17.02 26.69 -17.90
C GLN A 154 -15.72 26.30 -17.21
N SER A 155 -14.99 27.34 -16.80
CA SER A 155 -13.70 27.13 -16.11
C SER A 155 -13.45 28.29 -15.14
N GLY A 156 -13.00 27.99 -13.92
CA GLY A 156 -12.65 29.01 -12.95
C GLY A 156 -13.79 29.52 -12.11
N ASN A 157 -14.99 28.98 -12.31
CA ASN A 157 -16.19 29.48 -11.59
C ASN A 157 -16.88 28.30 -10.89
N SER A 158 -16.14 27.21 -10.65
CA SER A 158 -16.71 26.04 -10.02
C SER A 158 -15.74 25.51 -8.97
N GLN A 159 -16.31 24.80 -8.00
CA GLN A 159 -15.51 24.18 -6.91
C GLN A 159 -16.14 22.82 -6.61
N GLU A 160 -15.28 21.81 -6.43
CA GLU A 160 -15.79 20.44 -6.20
C GLU A 160 -15.33 19.96 -4.83
N SER A 161 -16.09 19.07 -4.23
CA SER A 161 -15.80 18.49 -2.92
C SER A 161 -16.16 17.02 -2.99
N VAL A 162 -15.17 16.15 -2.80
CA VAL A 162 -15.38 14.71 -2.86
C VAL A 162 -15.47 14.17 -1.44
N THR A 163 -16.37 13.22 -1.23
CA THR A 163 -16.54 12.64 0.09
C THR A 163 -15.46 11.60 0.34
N GLU A 164 -15.16 11.38 1.61
CA GLU A 164 -14.25 10.32 1.99
C GLU A 164 -14.86 8.97 1.62
N GLN A 165 -13.99 7.98 1.43
CA GLN A 165 -14.46 6.67 0.99
C GLN A 165 -15.49 6.12 1.97
N ASP A 166 -16.63 5.70 1.45
CA ASP A 166 -17.73 5.24 2.28
C ASP A 166 -17.32 3.97 3.03
N SER A 167 -17.59 3.93 4.32
CA SER A 167 -17.12 2.80 5.16
C SER A 167 -18.10 1.63 5.12
N LYS A 168 -18.98 1.62 4.13
CA LYS A 168 -19.89 0.48 3.98
C LYS A 168 -19.87 -0.14 2.59
N ASP A 169 -19.89 0.68 1.53
CA ASP A 169 -19.82 0.18 0.17
C ASP A 169 -18.58 0.67 -0.58
N SER A 170 -17.63 1.28 0.10
CA SER A 170 -16.31 1.63 -0.45
C SER A 170 -16.42 2.55 -1.66
N THR A 171 -17.48 3.35 -1.74
CA THR A 171 -17.69 4.27 -2.85
C THR A 171 -17.32 5.70 -2.44
N TYR A 172 -17.25 6.57 -3.44
CA TYR A 172 -17.03 7.99 -3.24
C TYR A 172 -18.23 8.77 -3.74
N SER A 173 -18.25 10.06 -3.41
CA SER A 173 -19.29 10.97 -3.88
C SER A 173 -18.66 12.33 -4.13
N LEU A 174 -19.10 12.98 -5.20
CA LEU A 174 -18.55 14.27 -5.61
C LEU A 174 -19.68 15.28 -5.72
N SER A 175 -19.40 16.51 -5.30
CA SER A 175 -20.32 17.62 -5.43
C SER A 175 -19.59 18.78 -6.10
N SER A 176 -20.20 19.35 -7.13
CA SER A 176 -19.64 20.48 -7.85
C SER A 176 -20.61 21.65 -7.80
N THR A 177 -20.11 22.81 -7.41
CA THR A 177 -20.92 24.02 -7.29
C THR A 177 -20.44 25.06 -8.30
N LEU A 178 -21.33 25.47 -9.18
CA LEU A 178 -21.06 26.55 -10.14
C LEU A 178 -21.73 27.82 -9.64
N THR A 179 -20.92 28.83 -9.31
CA THR A 179 -21.42 30.09 -8.78
C THR A 179 -21.41 31.14 -9.88
N LEU A 180 -22.57 31.74 -10.12
CA LEU A 180 -22.71 32.85 -11.05
C LEU A 180 -23.50 33.98 -10.40
N SER A 181 -23.32 35.17 -10.93
CA SER A 181 -24.14 36.30 -10.50
C SER A 181 -25.55 36.16 -11.05
N LYS A 182 -26.48 36.90 -10.45
CA LYS A 182 -27.85 36.88 -10.96
C LYS A 182 -27.93 37.54 -12.33
N ALA A 183 -27.01 38.46 -12.63
CA ALA A 183 -26.98 39.07 -13.96
C ALA A 183 -26.54 38.05 -15.01
N ASP A 184 -25.47 37.31 -14.74
CA ASP A 184 -25.00 36.31 -15.69
C ASP A 184 -25.98 35.15 -15.81
N TYR A 185 -26.50 34.68 -14.67
CA TYR A 185 -27.38 33.51 -14.67
C TYR A 185 -28.62 33.74 -15.53
N GLU A 186 -29.22 34.93 -15.43
CA GLU A 186 -30.44 35.21 -16.15
C GLU A 186 -30.18 35.65 -17.60
N LYS A 187 -28.94 35.52 -18.08
CA LYS A 187 -28.61 35.76 -19.47
C LYS A 187 -28.41 34.45 -20.25
N HIS A 188 -28.72 33.31 -19.64
CA HIS A 188 -28.51 32.03 -20.28
C HIS A 188 -29.61 31.07 -19.85
N LYS A 189 -29.91 30.10 -20.71
CA LYS A 189 -31.10 29.25 -20.57
C LYS A 189 -30.78 27.86 -20.04
N VAL A 190 -29.90 27.14 -20.75
CA VAL A 190 -29.64 25.73 -20.46
C VAL A 190 -28.41 25.62 -19.57
N TYR A 191 -28.52 24.88 -18.48
CA TYR A 191 -27.42 24.61 -17.57
C TYR A 191 -27.22 23.11 -17.49
N ALA A 192 -26.02 22.65 -17.83
CA ALA A 192 -25.76 21.23 -18.00
C ALA A 192 -24.54 20.81 -17.18
N CYS A 193 -24.48 19.51 -16.90
CA CYS A 193 -23.39 18.90 -16.15
C CYS A 193 -22.97 17.64 -16.86
N GLU A 194 -21.76 17.66 -17.42
CA GLU A 194 -21.22 16.49 -18.17
C GLU A 194 -20.26 15.72 -17.27
N VAL A 195 -20.50 14.41 -17.13
CA VAL A 195 -19.68 13.60 -16.19
C VAL A 195 -18.95 12.49 -16.92
N THR A 196 -17.64 12.42 -16.79
CA THR A 196 -16.85 11.33 -17.40
C THR A 196 -16.30 10.45 -16.28
N HIS A 197 -16.58 9.15 -16.32
CA HIS A 197 -16.09 8.22 -15.33
C HIS A 197 -15.71 6.91 -16.01
N GLN A 198 -14.84 6.15 -15.37
CA GLN A 198 -14.40 4.87 -15.94
C GLN A 198 -15.58 3.92 -16.13
N GLY A 199 -16.52 3.91 -15.17
CA GLY A 199 -17.68 3.05 -15.26
C GLY A 199 -18.71 3.51 -16.28
N LEU A 200 -18.52 4.67 -16.89
CA LEU A 200 -19.41 5.18 -17.92
C LEU A 200 -18.78 4.96 -19.28
N SER A 201 -19.48 4.22 -20.15
CA SER A 201 -18.99 4.00 -21.51
C SER A 201 -19.00 5.30 -22.32
N SER A 202 -19.90 6.21 -22.01
CA SER A 202 -19.98 7.52 -22.64
C SER A 202 -20.30 8.56 -21.59
N PRO A 203 -19.84 9.80 -21.78
CA PRO A 203 -20.13 10.85 -20.79
C PRO A 203 -21.63 11.09 -20.66
N VAL A 204 -22.08 11.22 -19.42
CA VAL A 204 -23.48 11.42 -19.09
C VAL A 204 -23.70 12.89 -18.76
N THR A 205 -24.71 13.52 -19.36
CA THR A 205 -25.02 14.94 -19.10
C THR A 205 -26.44 15.09 -18.57
N LYS A 206 -26.59 15.76 -17.44
CA LYS A 206 -27.91 16.06 -16.84
C LYS A 206 -28.05 17.59 -16.94
N SER A 207 -29.24 18.10 -17.25
CA SER A 207 -29.39 19.52 -17.50
C SER A 207 -30.78 20.00 -17.09
N PHE A 208 -30.96 21.32 -17.11
CA PHE A 208 -32.25 21.95 -16.89
C PHE A 208 -32.30 23.25 -17.68
N ASN A 209 -33.52 23.76 -17.86
CA ASN A 209 -33.75 25.05 -18.49
C ASN A 209 -34.36 26.00 -17.47
N ARG A 210 -33.82 27.20 -17.39
CA ARG A 210 -34.35 28.21 -16.47
C ARG A 210 -35.84 28.38 -16.67
N GLY A 211 -36.61 28.12 -15.60
CA GLY A 211 -38.05 28.18 -15.66
C GLY A 211 -38.71 26.82 -15.59
N GLN B 1 -18.12 4.14 30.97
CA GLN B 1 -16.83 4.23 30.31
C GLN B 1 -16.07 5.46 30.79
N VAL B 2 -14.98 5.78 30.12
CA VAL B 2 -14.20 6.99 30.37
C VAL B 2 -14.49 7.96 29.24
N THR B 3 -14.89 9.18 29.59
CA THR B 3 -15.22 10.21 28.62
C THR B 3 -14.35 11.44 28.84
N LEU B 4 -13.92 12.05 27.74
CA LEU B 4 -13.20 13.32 27.77
C LEU B 4 -13.76 14.22 26.69
N ARG B 5 -14.02 15.48 27.04
CA ARG B 5 -14.56 16.45 26.10
C ARG B 5 -13.76 17.74 26.20
N GLU B 6 -13.36 18.26 25.05
CA GLU B 6 -12.61 19.51 24.95
C GLU B 6 -13.55 20.65 24.62
N SER B 7 -13.20 21.83 25.10
CA SER B 7 -13.99 23.02 24.85
C SER B 7 -13.05 24.21 24.74
N GLY B 8 -13.46 25.19 23.95
CA GLY B 8 -12.66 26.36 23.72
C GLY B 8 -13.19 27.16 22.55
N PRO B 9 -12.53 28.27 22.24
CA PRO B 9 -12.99 29.10 21.12
C PRO B 9 -12.72 28.44 19.78
N ALA B 10 -13.61 28.70 18.83
CA ALA B 10 -13.40 28.30 17.45
C ALA B 10 -12.65 29.33 16.64
N LEU B 11 -12.50 30.55 17.16
CA LEU B 11 -11.82 31.63 16.46
C LEU B 11 -10.89 32.34 17.44
N VAL B 12 -9.65 32.56 17.03
CA VAL B 12 -8.65 33.21 17.86
C VAL B 12 -7.89 34.20 16.99
N LYS B 13 -7.92 35.47 17.37
CA LYS B 13 -7.18 36.48 16.63
C LYS B 13 -5.68 36.24 16.78
N PRO B 14 -4.90 36.54 15.74
CA PRO B 14 -3.45 36.28 15.81
C PRO B 14 -2.79 37.02 16.97
N THR B 15 -1.74 36.39 17.51
CA THR B 15 -0.94 36.87 18.64
C THR B 15 -1.69 36.80 19.97
N GLN B 16 -2.97 36.46 19.94
CA GLN B 16 -3.72 36.27 21.17
C GLN B 16 -3.42 34.90 21.77
N THR B 17 -4.08 34.58 22.88
CA THR B 17 -3.79 33.38 23.65
C THR B 17 -4.98 32.44 23.62
N LEU B 18 -4.73 31.18 23.23
CA LEU B 18 -5.75 30.15 23.16
C LEU B 18 -5.85 29.42 24.49
N THR B 19 -7.08 29.25 24.98
CA THR B 19 -7.35 28.56 26.24
C THR B 19 -8.32 27.42 25.97
N LEU B 20 -7.86 26.19 26.16
CA LEU B 20 -8.66 25.00 25.94
C LEU B 20 -8.93 24.31 27.27
N THR B 21 -10.08 23.65 27.38
CA THR B 21 -10.52 23.02 28.61
C THR B 21 -10.97 21.60 28.33
N CYS B 22 -10.33 20.63 28.96
CA CYS B 22 -10.68 19.22 28.84
C CYS B 22 -11.39 18.79 30.12
N THR B 23 -12.69 18.50 30.02
CA THR B 23 -13.48 18.02 31.13
C THR B 23 -13.70 16.52 30.97
N PHE B 24 -13.23 15.74 31.94
CA PHE B 24 -13.27 14.29 31.86
C PHE B 24 -14.16 13.71 32.93
N SER B 25 -14.42 12.41 32.79
CA SER B 25 -15.22 11.66 33.75
C SER B 25 -14.85 10.19 33.62
N GLY B 26 -15.18 9.43 34.67
CA GLY B 26 -14.82 8.03 34.72
C GLY B 26 -13.47 7.75 35.35
N PHE B 27 -12.77 8.82 35.74
CA PHE B 27 -11.44 8.69 36.37
C PHE B 27 -11.11 9.98 37.10
N SER B 28 -10.07 9.96 37.94
CA SER B 28 -9.65 11.14 38.73
C SER B 28 -8.19 11.42 38.41
N LEU B 29 -7.84 12.68 38.25
CA LEU B 29 -6.41 13.00 38.06
C LEU B 29 -5.80 13.05 39.44
N SER B 30 -6.53 12.59 40.48
CA SER B 30 -5.85 12.45 41.75
C SER B 30 -5.38 11.02 42.01
N THR B 31 -5.92 10.06 41.26
CA THR B 31 -5.53 8.63 41.38
C THR B 31 -4.12 8.49 40.85
N ALA B 32 -3.30 7.70 41.53
CA ALA B 32 -1.87 7.64 41.16
C ALA B 32 -1.68 6.91 39.84
N GLY B 33 -0.76 7.40 39.04
CA GLY B 33 -0.52 6.81 37.72
C GLY B 33 -1.29 7.52 36.64
N MET B 34 -2.39 8.17 37.00
CA MET B 34 -3.27 8.81 36.00
C MET B 34 -2.62 10.06 35.40
N SER B 35 -2.91 10.32 34.14
CA SER B 35 -2.33 11.49 33.42
C SER B 35 -3.28 11.95 32.34
N VAL B 36 -3.12 13.17 31.90
CA VAL B 36 -3.91 13.73 30.80
C VAL B 36 -2.99 14.57 29.92
N GLY B 37 -3.12 14.42 28.60
CA GLY B 37 -2.26 15.13 27.67
C GLY B 37 -3.05 15.75 26.53
N TRP B 38 -2.37 16.64 25.81
CA TRP B 38 -2.97 17.37 24.69
C TRP B 38 -2.22 17.06 23.40
N ILE B 39 -3.00 16.81 22.33
CA ILE B 39 -2.46 16.50 21.02
C ILE B 39 -3.27 17.26 19.98
N ARG B 40 -2.57 17.79 18.96
CA ARG B 40 -3.22 18.60 17.93
C ARG B 40 -2.93 18.05 16.55
N GLN B 41 -3.75 18.46 15.59
CA GLN B 41 -3.67 17.97 14.21
C GLN B 41 -4.11 19.07 13.26
N PRO B 42 -3.16 19.73 12.60
CA PRO B 42 -3.53 20.71 11.56
C PRO B 42 -4.28 20.04 10.43
N PRO B 43 -5.01 20.81 9.62
CA PRO B 43 -5.78 20.22 8.51
C PRO B 43 -4.96 19.31 7.61
N GLY B 44 -5.25 18.02 7.63
CA GLY B 44 -4.58 17.08 6.74
C GLY B 44 -3.10 16.89 7.02
N LYS B 45 -2.69 16.98 8.29
CA LYS B 45 -1.32 16.71 8.67
C LYS B 45 -1.31 15.70 9.81
N ALA B 46 -0.11 15.22 10.14
CA ALA B 46 0.02 14.17 11.13
C ALA B 46 -0.16 14.74 12.54
N LEU B 47 -0.45 13.84 13.48
CA LEU B 47 -0.70 14.23 14.86
C LEU B 47 0.58 14.68 15.54
N GLU B 48 0.48 15.74 16.35
CA GLU B 48 1.61 16.25 17.11
C GLU B 48 1.20 16.35 18.58
N TRP B 49 1.92 15.64 19.44
CA TRP B 49 1.69 15.76 20.88
C TRP B 49 2.16 17.12 21.37
N LEU B 50 1.42 17.69 22.32
CA LEU B 50 1.67 19.04 22.81
C LEU B 50 2.17 19.09 24.23
N ALA B 51 1.41 18.53 25.18
CA ALA B 51 1.77 18.62 26.59
C ALA B 51 1.00 17.55 27.36
N ASP B 52 1.42 17.33 28.61
CA ASP B 52 0.66 16.47 29.50
C ASP B 52 0.92 16.87 30.95
N ILE B 53 -0.03 16.53 31.82
CA ILE B 53 0.11 16.80 33.28
C ILE B 53 -0.11 15.46 33.98
N TRP B 54 0.51 15.25 35.14
CA TRP B 54 0.25 13.99 35.87
C TRP B 54 -0.37 14.20 37.25
N TRP B 55 -0.76 13.14 37.93
CA TRP B 55 -1.43 13.31 39.24
C TRP B 55 -0.44 13.98 40.21
N ASP B 56 0.85 13.74 40.03
CA ASP B 56 1.85 14.30 40.96
C ASP B 56 2.13 15.76 40.60
N ASP B 57 1.34 16.32 39.70
CA ASP B 57 1.50 17.74 39.28
C ASP B 57 2.76 17.90 38.44
N LYS B 58 3.25 16.82 37.85
CA LYS B 58 4.42 16.93 36.95
C LYS B 58 3.90 17.26 35.55
N LYS B 59 4.58 18.16 34.86
CA LYS B 59 4.11 18.60 33.55
C LYS B 59 5.23 18.45 32.53
N HIS B 60 4.88 17.94 31.35
CA HIS B 60 5.88 17.84 30.25
C HIS B 60 5.34 18.61 29.06
N TYR B 61 6.23 19.17 28.26
CA TYR B 61 5.80 19.97 27.09
C TYR B 61 6.66 19.63 25.88
N ASN B 62 6.10 19.79 24.68
CA ASN B 62 6.87 19.54 23.42
C ASN B 62 7.85 20.69 23.24
N PRO B 63 9.17 20.41 23.19
CA PRO B 63 10.16 21.48 23.09
C PRO B 63 9.99 22.35 21.85
N SER B 64 9.06 22.01 20.96
CA SER B 64 8.91 22.79 19.71
C SER B 64 8.02 24.01 19.97
N LEU B 65 7.02 23.88 20.85
CA LEU B 65 6.16 25.03 21.21
C LEU B 65 6.82 25.74 22.39
N LYS B 66 8.10 26.10 22.27
CA LYS B 66 8.86 26.68 23.41
C LYS B 66 8.23 27.96 23.96
N ASP B 67 8.28 28.15 25.28
CA ASP B 67 7.78 29.40 25.94
C ASP B 67 6.35 29.74 25.51
N ARG B 68 5.58 28.75 25.11
CA ARG B 68 4.23 29.06 24.59
C ARG B 68 3.20 28.13 25.20
N LEU B 69 3.64 27.14 25.97
CA LEU B 69 2.70 26.17 26.51
C LEU B 69 2.66 26.24 28.03
N THR B 70 1.44 26.13 28.55
CA THR B 70 1.23 26.11 30.01
C THR B 70 0.01 25.21 30.25
N ILE B 71 0.12 24.27 31.19
CA ILE B 71 -0.97 23.34 31.48
C ILE B 71 -1.19 23.31 32.99
N SER B 72 -2.45 23.20 33.40
CA SER B 72 -2.81 23.14 34.81
C SER B 72 -4.00 22.20 34.98
N LYS B 73 -4.30 21.85 36.22
CA LYS B 73 -5.39 20.94 36.51
C LYS B 73 -6.18 21.41 37.72
N ASP B 74 -7.48 21.15 37.69
CA ASP B 74 -8.39 21.38 38.83
C ASP B 74 -9.12 20.06 39.06
N THR B 75 -8.59 19.25 39.98
CA THR B 75 -9.16 17.92 40.21
C THR B 75 -10.60 18.01 40.74
N SER B 76 -10.93 19.07 41.48
CA SER B 76 -12.32 19.25 41.92
C SER B 76 -13.26 19.39 40.73
N LYS B 77 -12.89 20.24 39.77
CA LYS B 77 -13.67 20.43 38.56
C LYS B 77 -13.48 19.30 37.54
N ASN B 78 -12.59 18.35 37.83
CA ASN B 78 -12.32 17.21 36.94
C ASN B 78 -11.90 17.68 35.55
N GLN B 79 -11.17 18.79 35.45
CA GLN B 79 -10.80 19.33 34.15
C GLN B 79 -9.34 19.75 34.14
N VAL B 80 -8.81 19.83 32.92
CA VAL B 80 -7.45 20.25 32.65
C VAL B 80 -7.50 21.42 31.67
N VAL B 81 -6.64 22.41 31.87
CA VAL B 81 -6.60 23.60 31.03
C VAL B 81 -5.24 23.68 30.36
N LEU B 82 -5.24 23.96 29.06
CA LEU B 82 -4.03 24.21 28.29
C LEU B 82 -4.07 25.61 27.71
N LYS B 83 -2.99 26.34 27.93
CA LYS B 83 -2.92 27.73 27.44
C LYS B 83 -1.77 27.85 26.44
N VAL B 84 -2.06 28.36 25.25
CA VAL B 84 -1.08 28.51 24.19
C VAL B 84 -1.03 29.99 23.83
N THR B 85 0.11 30.63 24.08
CA THR B 85 0.26 32.05 23.82
C THR B 85 0.75 32.31 22.40
N ASN B 86 0.50 33.53 21.92
CA ASN B 86 0.97 34.00 20.61
C ASN B 86 0.47 33.08 19.50
N MET B 87 -0.85 32.96 19.43
CA MET B 87 -1.50 32.11 18.43
C MET B 87 -1.14 32.59 17.02
N ASP B 88 -1.04 31.64 16.10
CA ASP B 88 -0.57 31.94 14.74
C ASP B 88 -1.28 30.99 13.78
N PRO B 89 -1.52 31.42 12.53
CA PRO B 89 -2.22 30.55 11.57
C PRO B 89 -1.66 29.14 11.46
N ALA B 90 -0.35 28.95 11.61
CA ALA B 90 0.20 27.60 11.61
C ALA B 90 -0.30 26.76 12.78
N ASP B 91 -0.93 27.37 13.77
CA ASP B 91 -1.51 26.64 14.89
C ASP B 91 -2.98 26.30 14.68
N THR B 92 -3.54 26.62 13.52
CA THR B 92 -4.90 26.21 13.20
C THR B 92 -4.95 24.69 13.08
N ALA B 93 -5.80 24.05 13.90
CA ALA B 93 -5.81 22.60 14.00
C ALA B 93 -7.02 22.17 14.80
N THR B 94 -7.27 20.86 14.79
CA THR B 94 -8.18 20.25 15.75
C THR B 94 -7.37 19.83 16.96
N TYR B 95 -7.82 20.20 18.15
CA TYR B 95 -7.08 19.97 19.38
C TYR B 95 -7.74 18.86 20.19
N TYR B 96 -6.91 17.89 20.57
CA TYR B 96 -7.46 16.72 21.29
C TYR B 96 -6.79 16.50 22.64
N CYS B 97 -7.59 16.22 23.66
CA CYS B 97 -7.10 15.80 24.95
C CYS B 97 -7.33 14.30 25.10
N ALA B 98 -6.50 13.66 25.92
CA ALA B 98 -6.55 12.21 26.01
C ALA B 98 -5.96 11.76 27.34
N ARG B 99 -6.34 10.56 27.78
CA ARG B 99 -5.85 10.04 29.08
C ARG B 99 -4.61 9.15 28.90
N ASP B 100 -3.64 9.26 29.81
CA ASP B 100 -2.41 8.44 29.82
C ASP B 100 -2.28 7.86 31.23
N MET B 101 -1.45 6.85 31.42
CA MET B 101 -1.22 6.25 32.76
C MET B 101 0.25 5.89 32.87
N ILE B 102 0.88 6.09 34.03
CA ILE B 102 2.24 5.61 34.24
C ILE B 102 2.32 4.13 33.92
N PHE B 103 1.20 3.42 34.02
CA PHE B 103 1.18 1.99 33.76
C PHE B 103 1.29 1.69 32.28
N ASN B 104 0.85 2.64 31.45
CA ASN B 104 0.86 2.46 29.98
C ASN B 104 1.12 3.81 29.28
N PHE B 105 2.34 4.04 28.77
CA PHE B 105 2.64 5.35 28.17
C PHE B 105 2.02 5.43 26.77
N TYR B 106 0.69 5.34 26.75
CA TYR B 106 -0.09 5.53 25.54
C TYR B 106 -1.44 6.13 25.91
N PHE B 107 -2.06 6.81 24.94
CA PHE B 107 -3.34 7.47 25.16
C PHE B 107 -4.45 6.49 24.79
N ASP B 108 -5.08 5.91 25.82
CA ASP B 108 -6.07 4.87 25.57
C ASP B 108 -7.43 5.44 25.18
N VAL B 109 -7.78 6.63 25.67
CA VAL B 109 -9.08 7.23 25.40
C VAL B 109 -8.88 8.68 25.01
N TRP B 110 -9.59 9.13 23.97
CA TRP B 110 -9.44 10.47 23.42
C TRP B 110 -10.76 11.23 23.50
N GLY B 111 -10.64 12.56 23.49
CA GLY B 111 -11.80 13.41 23.30
C GLY B 111 -12.15 13.55 21.83
N GLN B 112 -13.33 14.12 21.58
CA GLN B 112 -13.77 14.29 20.19
C GLN B 112 -12.94 15.31 19.44
N GLY B 113 -12.26 16.21 20.15
CA GLY B 113 -11.47 17.24 19.50
C GLY B 113 -12.27 18.48 19.21
N THR B 114 -11.61 19.64 19.35
CA THR B 114 -12.23 20.94 19.06
C THR B 114 -11.43 21.64 17.97
N THR B 115 -12.10 22.12 16.91
CA THR B 115 -11.43 22.84 15.84
C THR B 115 -11.20 24.29 16.24
N VAL B 116 -9.99 24.78 16.01
CA VAL B 116 -9.60 26.15 16.35
C VAL B 116 -8.94 26.77 15.14
N THR B 117 -9.46 27.91 14.70
CA THR B 117 -8.92 28.64 13.56
C THR B 117 -8.36 29.97 14.03
N VAL B 118 -7.13 30.27 13.64
CA VAL B 118 -6.48 31.54 13.95
C VAL B 118 -6.64 32.44 12.75
N SER B 119 -7.45 33.49 12.89
CA SER B 119 -7.75 34.37 11.77
C SER B 119 -8.17 35.73 12.30
N SER B 120 -7.83 36.78 11.55
CA SER B 120 -8.28 38.12 11.88
C SER B 120 -9.74 38.34 11.51
N ALA B 121 -10.25 37.59 10.54
CA ALA B 121 -11.64 37.72 10.12
C ALA B 121 -12.58 37.36 11.27
N SER B 122 -13.77 37.96 11.24
CA SER B 122 -14.76 37.74 12.27
C SER B 122 -15.68 36.57 11.92
N THR B 123 -16.53 36.21 12.88
CA THR B 123 -17.45 35.11 12.71
C THR B 123 -18.61 35.51 11.82
N LYS B 124 -18.96 34.61 10.90
CA LYS B 124 -20.10 34.85 9.97
C LYS B 124 -20.98 33.60 9.93
N GLY B 125 -22.26 33.74 10.27
CA GLY B 125 -23.18 32.62 10.23
C GLY B 125 -23.54 32.23 8.81
N PRO B 126 -23.97 30.99 8.61
CA PRO B 126 -24.23 30.49 7.27
C PRO B 126 -25.65 30.78 6.78
N SER B 127 -25.77 30.74 5.45
CA SER B 127 -27.10 30.86 4.80
C SER B 127 -27.43 29.49 4.22
N VAL B 128 -28.62 29.00 4.50
CA VAL B 128 -29.00 27.64 4.06
C VAL B 128 -30.04 27.76 2.96
N PHE B 129 -29.80 27.12 1.83
CA PHE B 129 -30.70 27.15 0.66
C PHE B 129 -31.07 25.71 0.32
N PRO B 130 -32.32 25.44 -0.09
CA PRO B 130 -32.75 24.08 -0.46
C PRO B 130 -32.22 23.52 -1.78
N LEU B 131 -31.93 22.22 -1.84
CA LEU B 131 -31.56 21.55 -3.11
C LEU B 131 -32.77 20.70 -3.46
N ALA B 132 -33.77 21.28 -4.10
CA ALA B 132 -35.04 20.63 -4.38
C ALA B 132 -34.90 19.61 -5.51
N PRO B 133 -35.67 18.51 -5.47
CA PRO B 133 -35.56 17.49 -6.52
C PRO B 133 -36.25 17.91 -7.81
N THR B 142 -35.23 6.95 -8.13
CA THR B 142 -34.92 7.49 -6.83
C THR B 142 -34.48 8.94 -7.01
N ALA B 143 -34.83 9.77 -6.03
CA ALA B 143 -34.56 11.20 -6.09
C ALA B 143 -33.47 11.60 -5.11
N ALA B 144 -32.82 12.72 -5.42
CA ALA B 144 -31.83 13.32 -4.54
C ALA B 144 -32.27 14.73 -4.18
N LEU B 145 -32.14 15.08 -2.90
CA LEU B 145 -32.40 16.42 -2.42
C LEU B 145 -31.31 16.78 -1.42
N GLY B 146 -31.25 18.05 -1.03
CA GLY B 146 -30.20 18.43 -0.12
C GLY B 146 -30.36 19.84 0.41
N CYS B 147 -29.30 20.29 1.09
CA CYS B 147 -29.24 21.61 1.69
C CYS B 147 -27.89 22.24 1.37
N LEU B 148 -27.91 23.53 1.01
CA LEU B 148 -26.67 24.26 0.66
C LEU B 148 -26.31 25.25 1.77
N VAL B 149 -25.37 24.89 2.62
CA VAL B 149 -24.90 25.75 3.71
C VAL B 149 -23.79 26.63 3.13
N LYS B 150 -24.07 27.92 3.05
CA LYS B 150 -23.12 28.79 2.33
C LYS B 150 -22.65 30.00 3.12
N ASP B 151 -21.49 30.54 2.73
CA ASP B 151 -20.92 31.75 3.35
C ASP B 151 -20.94 31.69 4.87
N TYR B 152 -20.07 30.87 5.46
CA TYR B 152 -19.91 30.84 6.91
C TYR B 152 -18.43 30.86 7.28
N PHE B 153 -18.17 31.29 8.50
CA PHE B 153 -16.84 31.29 9.08
C PHE B 153 -16.97 31.25 10.59
N PRO B 154 -16.15 30.44 11.27
CA PRO B 154 -15.16 29.51 10.73
C PRO B 154 -15.71 28.10 10.69
N GLU B 155 -14.88 27.10 10.39
CA GLU B 155 -15.29 25.72 10.55
C GLU B 155 -15.37 25.40 12.04
N PRO B 156 -16.21 24.42 12.44
CA PRO B 156 -16.97 23.47 11.63
C PRO B 156 -18.45 23.82 11.45
N VAL B 157 -19.14 22.98 10.69
CA VAL B 157 -20.59 22.99 10.55
C VAL B 157 -21.07 21.55 10.53
N THR B 158 -22.14 21.28 11.28
CA THR B 158 -22.75 19.96 11.33
C THR B 158 -24.13 19.99 10.68
N VAL B 159 -24.40 18.97 9.86
CA VAL B 159 -25.72 18.92 9.17
C VAL B 159 -26.37 17.56 9.45
N SER B 160 -27.57 17.57 10.05
CA SER B 160 -28.30 16.32 10.33
C SER B 160 -29.55 16.28 9.45
N TRP B 161 -30.15 15.10 9.30
CA TRP B 161 -31.36 14.96 8.47
C TRP B 161 -32.49 14.35 9.29
N ASN B 162 -33.56 15.11 9.52
CA ASN B 162 -34.68 14.65 10.33
C ASN B 162 -34.21 14.21 11.71
N SER B 163 -33.35 15.03 12.31
CA SER B 163 -32.82 14.80 13.65
C SER B 163 -32.12 13.44 13.75
N GLY B 164 -31.40 13.08 12.70
CA GLY B 164 -30.67 11.82 12.67
C GLY B 164 -31.50 10.60 12.35
N ALA B 165 -32.83 10.71 12.35
CA ALA B 165 -33.67 9.57 11.98
C ALA B 165 -33.39 9.11 10.55
N LEU B 166 -33.03 10.04 9.68
CA LEU B 166 -32.65 9.73 8.31
C LEU B 166 -31.12 9.74 8.22
N THR B 167 -30.53 8.56 8.01
CA THR B 167 -29.08 8.41 7.95
C THR B 167 -28.60 7.81 6.63
N SER B 168 -29.37 6.87 6.10
CA SER B 168 -29.00 6.19 4.84
C SER B 168 -29.02 7.19 3.68
N GLY B 169 -28.06 7.06 2.76
CA GLY B 169 -28.03 7.93 1.60
C GLY B 169 -27.56 9.34 1.87
N VAL B 170 -27.41 9.75 3.13
CA VAL B 170 -26.95 11.10 3.44
C VAL B 170 -25.48 11.23 3.11
N HIS B 171 -25.12 12.31 2.42
CA HIS B 171 -23.73 12.66 2.17
C HIS B 171 -23.53 14.13 2.53
N THR B 172 -22.73 14.38 3.57
CA THR B 172 -22.32 15.73 3.91
C THR B 172 -20.88 15.90 3.39
N PHE B 173 -20.73 16.74 2.38
CA PHE B 173 -19.43 16.86 1.73
C PHE B 173 -18.50 17.73 2.56
N PRO B 174 -17.19 17.53 2.43
CA PRO B 174 -16.24 18.45 3.06
C PRO B 174 -16.46 19.88 2.57
N ALA B 175 -16.18 20.83 3.44
CA ALA B 175 -16.34 22.23 3.09
C ALA B 175 -15.24 22.66 2.13
N VAL B 176 -15.61 23.55 1.21
CA VAL B 176 -14.66 24.19 0.29
C VAL B 176 -14.55 25.65 0.68
N LEU B 177 -13.34 26.19 0.62
CA LEU B 177 -13.08 27.58 1.00
C LEU B 177 -13.21 28.45 -0.24
N GLN B 178 -14.27 29.23 -0.30
CA GLN B 178 -14.52 30.10 -1.47
C GLN B 178 -13.51 31.23 -1.52
N SER B 179 -13.45 31.94 -2.65
CA SER B 179 -12.50 33.07 -2.82
C SER B 179 -12.88 34.17 -1.83
N SER B 180 -14.14 34.18 -1.44
CA SER B 180 -14.60 35.26 -0.54
C SER B 180 -13.81 35.19 0.76
N GLY B 181 -13.55 33.98 1.24
CA GLY B 181 -12.87 33.81 2.53
C GLY B 181 -13.85 33.09 3.43
N LEU B 182 -14.98 32.73 2.85
CA LEU B 182 -16.01 32.02 3.60
C LEU B 182 -16.12 30.58 3.12
N TYR B 183 -16.57 29.70 4.02
CA TYR B 183 -16.71 28.30 3.69
C TYR B 183 -18.12 28.00 3.19
N SER B 184 -18.24 26.90 2.44
CA SER B 184 -19.51 26.47 1.88
C SER B 184 -19.49 24.97 1.70
N LEU B 185 -20.61 24.31 1.98
CA LEU B 185 -20.72 22.87 1.80
C LEU B 185 -22.16 22.49 1.52
N SER B 186 -22.30 21.32 0.91
CA SER B 186 -23.65 20.80 0.59
C SER B 186 -23.86 19.46 1.31
N SER B 187 -25.11 19.11 1.55
CA SER B 187 -25.47 17.87 2.21
C SER B 187 -26.69 17.29 1.50
N VAL B 188 -26.52 16.13 0.86
CA VAL B 188 -27.56 15.53 0.05
C VAL B 188 -27.99 14.21 0.65
N VAL B 189 -29.13 13.71 0.18
CA VAL B 189 -29.64 12.40 0.55
C VAL B 189 -30.45 11.86 -0.61
N THR B 190 -30.30 10.56 -0.88
CA THR B 190 -31.06 9.88 -1.92
C THR B 190 -32.20 9.10 -1.28
N VAL B 191 -33.42 9.39 -1.73
CA VAL B 191 -34.61 8.79 -1.14
C VAL B 191 -35.47 8.20 -2.26
N PRO B 192 -36.41 7.33 -1.91
CA PRO B 192 -37.37 6.84 -2.92
C PRO B 192 -38.09 8.00 -3.60
N SER B 193 -38.07 7.98 -4.93
CA SER B 193 -38.65 9.08 -5.71
C SER B 193 -40.14 9.23 -5.43
N SER B 194 -40.81 8.15 -5.03
CA SER B 194 -42.23 8.22 -4.74
C SER B 194 -42.53 8.91 -3.41
N SER B 195 -41.58 8.95 -2.49
CA SER B 195 -41.79 9.56 -1.19
C SER B 195 -41.77 11.09 -1.22
N LEU B 196 -41.48 11.69 -2.38
CA LEU B 196 -41.55 13.14 -2.50
C LEU B 196 -43.00 13.60 -2.41
N GLY B 197 -43.21 14.77 -1.81
CA GLY B 197 -44.54 15.30 -1.60
C GLY B 197 -45.35 14.60 -0.54
N THR B 198 -44.92 13.42 -0.10
CA THR B 198 -45.63 12.67 0.93
C THR B 198 -44.86 12.64 2.25
N GLN B 199 -43.56 12.38 2.20
CA GLN B 199 -42.71 12.36 3.38
C GLN B 199 -42.01 13.71 3.53
N THR B 200 -41.96 14.20 4.77
CA THR B 200 -41.29 15.46 5.05
C THR B 200 -39.79 15.24 5.18
N TYR B 201 -39.01 16.16 4.61
CA TYR B 201 -37.55 16.10 4.66
C TYR B 201 -37.02 17.44 5.16
N ILE B 202 -36.40 17.40 6.35
CA ILE B 202 -35.87 18.63 6.98
C ILE B 202 -34.39 18.41 7.30
N CYS B 203 -33.57 19.39 6.98
CA CYS B 203 -32.12 19.30 7.31
C CYS B 203 -31.87 20.16 8.53
N ASN B 204 -31.08 19.64 9.45
CA ASN B 204 -30.78 20.37 10.68
C ASN B 204 -29.34 20.85 10.59
N VAL B 205 -29.17 22.12 10.25
CA VAL B 205 -27.85 22.74 10.13
C VAL B 205 -27.49 23.41 11.45
N ASN B 206 -26.25 23.22 11.88
CA ASN B 206 -25.78 23.78 13.15
C ASN B 206 -24.37 24.32 12.96
N HIS B 207 -24.20 25.62 13.23
CA HIS B 207 -22.90 26.30 13.19
C HIS B 207 -22.67 26.89 14.58
N LYS B 208 -22.14 26.06 15.47
CA LYS B 208 -21.90 26.50 16.85
C LYS B 208 -21.01 27.74 16.97
N PRO B 209 -19.95 27.92 16.16
CA PRO B 209 -19.15 29.15 16.28
C PRO B 209 -19.96 30.45 16.19
N SER B 210 -21.13 30.39 15.54
CA SER B 210 -22.03 31.57 15.36
C SER B 210 -23.32 31.35 16.13
N ASN B 211 -23.40 30.27 16.87
CA ASN B 211 -24.62 29.92 17.60
C ASN B 211 -25.85 30.00 16.69
N THR B 212 -25.67 29.44 15.49
CA THR B 212 -26.76 29.44 14.48
C THR B 212 -27.32 28.03 14.30
N LYS B 213 -28.64 27.87 14.38
CA LYS B 213 -29.31 26.58 14.21
C LYS B 213 -30.46 26.77 13.24
N VAL B 214 -30.40 26.06 12.13
CA VAL B 214 -31.42 26.22 11.06
C VAL B 214 -32.02 24.86 10.74
N ASP B 215 -33.33 24.80 10.62
CA ASP B 215 -33.99 23.54 10.21
C ASP B 215 -34.83 23.86 8.97
N LYS B 216 -34.28 23.63 7.78
CA LYS B 216 -34.99 23.95 6.51
C LYS B 216 -35.71 22.72 5.96
N LYS B 217 -36.98 22.87 5.62
CA LYS B 217 -37.76 21.76 5.01
C LYS B 217 -37.47 21.81 3.52
N VAL B 218 -37.07 20.67 2.95
CA VAL B 218 -36.82 20.63 1.48
C VAL B 218 -38.05 19.98 0.84
N GLU B 219 -38.64 20.65 -0.14
CA GLU B 219 -39.87 20.21 -0.78
C GLU B 219 -39.74 20.42 -2.28
N PRO B 220 -40.42 19.59 -3.08
CA PRO B 220 -40.37 19.70 -4.55
C PRO B 220 -40.84 21.06 -5.06
N ASP C 1 -5.70 -26.58 -6.94
CA ASP C 1 -5.75 -25.23 -7.56
C ASP C 1 -5.28 -24.20 -6.54
N ILE C 2 -3.99 -23.92 -6.49
CA ILE C 2 -3.46 -23.00 -5.46
C ILE C 2 -3.69 -21.56 -5.89
N GLN C 3 -4.64 -20.90 -5.23
CA GLN C 3 -4.88 -19.47 -5.50
C GLN C 3 -3.95 -18.67 -4.59
N MET C 4 -3.56 -17.47 -5.01
CA MET C 4 -2.58 -16.67 -4.30
C MET C 4 -3.06 -15.23 -4.27
N THR C 5 -3.47 -14.77 -3.09
CA THR C 5 -3.90 -13.39 -2.89
C THR C 5 -2.69 -12.53 -2.61
N GLN C 6 -2.34 -11.66 -3.55
CA GLN C 6 -1.25 -10.72 -3.37
C GLN C 6 -1.79 -9.40 -2.84
N SER C 7 -1.18 -8.88 -1.77
CA SER C 7 -1.64 -7.59 -1.19
C SER C 7 -0.41 -6.76 -0.83
N PRO C 8 -0.40 -5.42 -1.01
CA PRO C 8 -1.55 -4.62 -1.47
C PRO C 8 -1.69 -4.62 -2.98
N SER C 9 -2.80 -4.11 -3.51
CA SER C 9 -2.92 -3.97 -4.96
C SER C 9 -2.03 -2.84 -5.48
N THR C 10 -2.03 -1.71 -4.78
CA THR C 10 -1.15 -0.60 -5.10
C THR C 10 -0.66 0.05 -3.82
N LEU C 11 0.49 0.71 -3.89
CA LEU C 11 1.05 1.37 -2.73
C LEU C 11 1.97 2.49 -3.19
N SER C 12 2.10 3.50 -2.34
CA SER C 12 2.97 4.64 -2.59
C SER C 12 3.87 4.84 -1.37
N ALA C 13 5.18 4.91 -1.61
CA ALA C 13 6.14 5.06 -0.53
C ALA C 13 7.29 5.95 -1.00
N SER C 14 7.88 6.66 -0.04
CA SER C 14 8.96 7.59 -0.35
C SER C 14 10.27 6.84 -0.53
N VAL C 15 11.24 7.53 -1.14
CA VAL C 15 12.57 6.96 -1.30
C VAL C 15 13.20 6.75 0.06
N GLY C 16 13.76 5.56 0.27
CA GLY C 16 14.32 5.18 1.55
C GLY C 16 13.37 4.41 2.45
N ASP C 17 12.08 4.40 2.13
CA ASP C 17 11.10 3.72 2.97
C ASP C 17 11.22 2.20 2.82
N ARG C 18 10.48 1.50 3.67
CA ARG C 18 10.48 0.03 3.71
C ARG C 18 9.15 -0.46 3.17
N VAL C 19 9.20 -1.13 2.02
CA VAL C 19 8.00 -1.60 1.31
C VAL C 19 7.81 -3.08 1.61
N THR C 20 6.59 -3.45 1.99
CA THR C 20 6.25 -4.84 2.28
C THR C 20 5.10 -5.27 1.39
N ILE C 21 5.26 -6.42 0.73
CA ILE C 21 4.24 -7.02 -0.11
C ILE C 21 3.93 -8.41 0.43
N THR C 22 2.67 -8.82 0.35
CA THR C 22 2.21 -10.05 0.96
C THR C 22 1.52 -10.95 -0.05
N CYS C 23 1.87 -12.23 -0.04
CA CYS C 23 1.21 -13.24 -0.85
C CYS C 23 0.66 -14.31 0.08
N SER C 24 -0.65 -14.56 0.00
CA SER C 24 -1.32 -15.57 0.81
C SER C 24 -1.83 -16.67 -0.10
N ALA C 25 -1.28 -17.87 0.05
CA ALA C 25 -1.62 -19.00 -0.78
C ALA C 25 -2.86 -19.71 -0.26
N SER C 26 -3.64 -20.26 -1.19
CA SER C 26 -4.88 -21.00 -0.83
C SER C 26 -4.54 -22.26 -0.06
N SER C 27 -3.50 -22.98 -0.47
CA SER C 27 -3.09 -24.22 0.22
C SER C 27 -1.61 -24.10 0.59
N ARG C 28 -1.11 -25.04 1.37
CA ARG C 28 0.30 -24.93 1.81
C ARG C 28 1.18 -25.06 0.58
N VAL C 29 2.24 -24.27 0.54
CA VAL C 29 3.20 -24.34 -0.58
C VAL C 29 4.59 -24.36 0.05
N GLY C 30 5.57 -24.92 -0.62
CA GLY C 30 6.92 -25.05 -0.04
C GLY C 30 7.82 -23.89 -0.40
N TYR C 31 7.69 -23.34 -1.60
CA TYR C 31 8.49 -22.15 -1.96
C TYR C 31 7.65 -21.08 -2.66
N MET C 32 7.94 -19.80 -2.41
CA MET C 32 7.25 -18.71 -3.14
C MET C 32 8.28 -17.94 -3.93
N HIS C 33 7.91 -17.55 -5.15
CA HIS C 33 8.88 -16.87 -6.03
C HIS C 33 8.34 -15.47 -6.35
N TRP C 34 9.25 -14.51 -6.49
CA TRP C 34 8.81 -13.12 -6.71
C TRP C 34 9.43 -12.56 -7.99
N TYR C 35 8.61 -11.92 -8.82
CA TYR C 35 9.01 -11.36 -10.11
C TYR C 35 8.73 -9.86 -10.12
N GLN C 36 9.64 -9.13 -10.78
CA GLN C 36 9.47 -7.67 -10.95
C GLN C 36 9.26 -7.39 -12.43
N GLN C 37 8.23 -6.62 -12.76
CA GLN C 37 7.90 -6.31 -14.15
C GLN C 37 7.83 -4.80 -14.32
N LYS C 38 8.81 -4.23 -15.03
CA LYS C 38 8.73 -2.84 -15.43
C LYS C 38 7.66 -2.67 -16.51
N PRO C 39 7.19 -1.45 -16.73
CA PRO C 39 6.13 -1.23 -17.72
C PRO C 39 6.56 -1.66 -19.13
N GLY C 40 5.82 -2.62 -19.68
CA GLY C 40 6.01 -3.04 -21.05
C GLY C 40 7.15 -3.99 -21.30
N LYS C 41 7.85 -4.44 -20.26
CA LYS C 41 8.98 -5.35 -20.42
C LYS C 41 8.69 -6.67 -19.72
N ALA C 42 9.49 -7.67 -20.08
CA ALA C 42 9.31 -9.01 -19.55
C ALA C 42 9.60 -9.03 -18.06
N PRO C 43 8.86 -9.87 -17.28
CA PRO C 43 9.13 -10.02 -15.86
C PRO C 43 10.55 -10.49 -15.53
N LYS C 44 11.08 -10.00 -14.40
CA LYS C 44 12.45 -10.39 -13.97
C LYS C 44 12.34 -11.14 -12.64
N LEU C 45 12.98 -12.29 -12.54
CA LEU C 45 12.98 -13.10 -11.33
C LEU C 45 13.73 -12.32 -10.27
N LEU C 46 13.02 -11.97 -9.19
CA LEU C 46 13.58 -11.23 -8.06
C LEU C 46 14.06 -12.16 -6.96
N ILE C 47 13.14 -12.92 -6.37
CA ILE C 47 13.43 -13.82 -5.26
C ILE C 47 12.88 -15.20 -5.60
N TYR C 48 13.73 -16.19 -5.41
CA TYR C 48 13.31 -17.58 -5.66
C TYR C 48 13.44 -18.38 -4.37
N ASP C 49 12.70 -19.48 -4.29
CA ASP C 49 12.78 -20.40 -3.14
C ASP C 49 12.53 -19.61 -1.86
N THR C 50 11.48 -18.79 -1.88
CA THR C 50 11.05 -18.05 -0.66
C THR C 50 12.02 -16.95 -0.21
N SER C 51 13.34 -17.18 -0.20
CA SER C 51 14.21 -16.19 0.41
C SER C 51 15.58 -16.07 -0.25
N LYS C 52 15.72 -16.44 -1.52
CA LYS C 52 17.02 -16.39 -2.19
C LYS C 52 17.10 -15.19 -3.12
N LEU C 53 18.24 -14.52 -3.10
CA LEU C 53 18.50 -13.44 -4.03
C LEU C 53 18.82 -13.99 -5.41
N ALA C 54 18.10 -13.53 -6.42
CA ALA C 54 18.43 -13.89 -7.78
C ALA C 54 19.78 -13.29 -8.16
N SER C 55 20.33 -13.76 -9.28
CA SER C 55 21.61 -13.26 -9.76
C SER C 55 21.45 -11.82 -10.25
N GLY C 56 22.22 -10.91 -9.66
CA GLY C 56 22.21 -9.53 -10.09
C GLY C 56 21.04 -8.70 -9.60
N VAL C 57 20.43 -9.08 -8.49
CA VAL C 57 19.36 -8.30 -7.86
C VAL C 57 19.94 -7.59 -6.65
N PRO C 58 19.69 -6.29 -6.46
CA PRO C 58 20.28 -5.58 -5.32
C PRO C 58 19.93 -6.24 -4.00
N SER C 59 20.89 -6.21 -3.08
CA SER C 59 20.70 -6.77 -1.75
C SER C 59 19.64 -6.06 -0.92
N ARG C 60 19.04 -4.99 -1.44
CA ARG C 60 17.94 -4.31 -0.77
C ARG C 60 16.62 -5.08 -0.86
N PHE C 61 16.56 -6.13 -1.67
CA PHE C 61 15.39 -6.99 -1.75
C PHE C 61 15.61 -8.23 -0.88
N SER C 62 14.51 -8.75 -0.34
CA SER C 62 14.55 -9.95 0.48
C SER C 62 13.15 -10.54 0.56
N GLY C 63 13.09 -11.80 1.00
CA GLY C 63 11.82 -12.50 1.09
C GLY C 63 11.79 -13.40 2.32
N SER C 64 10.56 -13.79 2.64
CA SER C 64 10.34 -14.60 3.85
C SER C 64 8.99 -15.28 3.76
N GLY C 65 8.77 -16.27 4.61
CA GLY C 65 7.47 -16.92 4.73
C GLY C 65 7.61 -18.42 4.73
N SER C 66 6.47 -19.07 4.99
CA SER C 66 6.39 -20.54 4.99
C SER C 66 4.92 -20.91 4.78
N GLY C 67 4.62 -22.01 4.11
CA GLY C 67 3.23 -22.46 3.98
C GLY C 67 2.28 -21.52 3.27
N THR C 68 1.21 -21.11 3.94
CA THR C 68 0.22 -20.16 3.37
C THR C 68 0.75 -18.73 3.21
N GLU C 69 1.55 -18.21 4.15
CA GLU C 69 1.90 -16.76 4.11
C GLU C 69 3.36 -16.49 3.73
N PHE C 70 3.55 -15.56 2.79
CA PHE C 70 4.90 -15.20 2.29
C PHE C 70 5.00 -13.68 2.13
N THR C 71 6.22 -13.14 2.11
CA THR C 71 6.41 -11.67 2.11
C THR C 71 7.64 -11.22 1.31
N LEU C 72 7.49 -10.18 0.49
CA LEU C 72 8.61 -9.60 -0.24
C LEU C 72 8.86 -8.20 0.30
N THR C 73 10.13 -7.90 0.61
CA THR C 73 10.49 -6.68 1.32
C THR C 73 11.56 -5.92 0.57
N ILE C 74 11.35 -4.63 0.36
CA ILE C 74 12.39 -3.70 -0.05
C ILE C 74 12.80 -2.90 1.17
N SER C 75 14.03 -3.08 1.63
CA SER C 75 14.48 -2.38 2.83
C SER C 75 14.52 -0.87 2.59
N SER C 76 15.09 -0.45 1.46
CA SER C 76 15.18 0.97 1.09
C SER C 76 14.66 1.14 -0.33
N LEU C 77 13.51 1.78 -0.46
CA LEU C 77 12.89 1.91 -1.77
C LEU C 77 13.65 2.93 -2.62
N GLN C 78 13.99 2.53 -3.84
CA GLN C 78 14.73 3.36 -4.77
C GLN C 78 13.84 3.80 -5.93
N PRO C 79 14.23 4.83 -6.67
CA PRO C 79 13.40 5.26 -7.82
C PRO C 79 13.26 4.18 -8.89
N ASP C 80 14.31 3.39 -9.11
CA ASP C 80 14.27 2.33 -10.15
C ASP C 80 13.39 1.16 -9.70
N ASP C 81 12.86 1.21 -8.47
CA ASP C 81 12.09 0.06 -7.96
C ASP C 81 10.63 0.21 -8.36
N PHE C 82 10.32 1.21 -9.20
CA PHE C 82 8.95 1.33 -9.70
C PHE C 82 8.66 0.20 -10.66
N ALA C 83 7.64 -0.60 -10.36
CA ALA C 83 7.26 -1.73 -11.21
C ALA C 83 5.96 -2.31 -10.68
N THR C 84 5.57 -3.46 -11.22
CA THR C 84 4.51 -4.29 -10.69
C THR C 84 5.13 -5.63 -10.31
N TYR C 85 4.94 -6.04 -9.06
CA TYR C 85 5.57 -7.23 -8.52
C TYR C 85 4.55 -8.36 -8.40
N TYR C 86 5.01 -9.58 -8.70
CA TYR C 86 4.14 -10.75 -8.76
C TYR C 86 4.73 -11.88 -7.94
N CYS C 87 3.92 -12.52 -7.12
CA CYS C 87 4.29 -13.79 -6.52
C CYS C 87 3.86 -14.93 -7.44
N PHE C 88 4.59 -16.05 -7.34
CA PHE C 88 4.37 -17.17 -8.25
C PHE C 88 4.74 -18.46 -7.52
N GLN C 89 3.95 -19.50 -7.76
CA GLN C 89 4.19 -20.81 -7.18
C GLN C 89 4.39 -21.84 -8.28
N GLY C 90 5.34 -22.75 -8.06
CA GLY C 90 5.56 -23.87 -8.94
C GLY C 90 5.37 -25.17 -8.21
N SER C 91 4.67 -25.11 -7.08
CA SER C 91 4.60 -26.30 -6.22
C SER C 91 3.36 -27.12 -6.53
N GLY C 92 2.54 -26.65 -7.46
CA GLY C 92 1.40 -27.43 -7.90
C GLY C 92 0.81 -26.93 -9.21
N TYR C 93 0.55 -27.85 -10.12
CA TYR C 93 -0.09 -27.43 -11.35
C TYR C 93 -1.59 -27.22 -11.13
N PRO C 94 -2.17 -26.15 -11.70
CA PRO C 94 -1.55 -25.18 -12.61
C PRO C 94 -0.66 -24.19 -11.89
N PHE C 95 0.43 -23.79 -12.53
CA PHE C 95 1.23 -22.69 -12.03
C PHE C 95 0.38 -21.42 -11.98
N THR C 96 0.48 -20.68 -10.88
CA THR C 96 -0.39 -19.54 -10.66
C THR C 96 0.43 -18.34 -10.19
N PHE C 97 -0.02 -17.15 -10.59
CA PHE C 97 0.60 -15.89 -10.20
C PHE C 97 -0.30 -15.14 -9.23
N GLY C 98 0.30 -14.18 -8.53
CA GLY C 98 -0.48 -13.26 -7.73
C GLY C 98 -1.05 -12.14 -8.58
N GLY C 99 -2.04 -11.44 -8.00
CA GLY C 99 -2.68 -10.36 -8.73
C GLY C 99 -1.76 -9.20 -9.08
N GLY C 100 -0.57 -9.16 -8.52
CA GLY C 100 0.36 -8.07 -8.79
C GLY C 100 0.24 -6.95 -7.79
N THR C 101 1.33 -6.21 -7.62
CA THR C 101 1.36 -5.04 -6.75
C THR C 101 2.15 -3.95 -7.44
N LYS C 102 1.49 -2.84 -7.77
CA LYS C 102 2.13 -1.70 -8.41
C LYS C 102 2.70 -0.79 -7.35
N VAL C 103 4.02 -0.65 -7.33
CA VAL C 103 4.71 0.18 -6.34
C VAL C 103 5.05 1.51 -7.01
N GLU C 104 4.32 2.54 -6.58
CA GLU C 104 4.55 3.92 -7.09
C GLU C 104 5.40 4.68 -6.08
N ILE C 105 6.28 5.55 -6.54
CA ILE C 105 7.18 6.30 -5.67
C ILE C 105 6.56 7.66 -5.35
N LYS C 106 6.61 8.03 -4.08
CA LYS C 106 6.13 9.35 -3.62
C LYS C 106 7.32 10.30 -3.54
N ARG C 107 7.25 11.44 -4.21
CA ARG C 107 8.35 12.39 -4.25
C ARG C 107 7.83 13.79 -3.99
N THR C 108 8.75 14.75 -3.94
CA THR C 108 8.37 16.15 -3.76
C THR C 108 7.62 16.66 -4.99
N VAL C 109 6.78 17.66 -4.77
CA VAL C 109 5.95 18.20 -5.83
C VAL C 109 6.82 18.90 -6.87
N ALA C 110 6.50 18.69 -8.15
CA ALA C 110 7.20 19.33 -9.26
C ALA C 110 6.18 19.79 -10.28
N ALA C 111 6.42 20.96 -10.89
CA ALA C 111 5.50 21.59 -11.81
C ALA C 111 5.78 21.19 -13.25
N PRO C 112 4.74 21.03 -14.07
CA PRO C 112 4.95 20.62 -15.46
C PRO C 112 5.55 21.74 -16.28
N SER C 113 6.37 21.35 -17.27
CA SER C 113 6.80 22.25 -18.32
C SER C 113 5.89 22.06 -19.53
N VAL C 114 5.33 23.15 -20.03
CA VAL C 114 4.28 23.11 -21.04
C VAL C 114 4.84 23.56 -22.37
N PHE C 115 4.55 22.78 -23.41
CA PHE C 115 4.92 23.10 -24.78
C PHE C 115 3.71 22.84 -25.67
N ILE C 116 3.60 23.61 -26.75
CA ILE C 116 2.51 23.43 -27.71
C ILE C 116 3.10 23.32 -29.11
N PHE C 117 2.54 22.40 -29.89
CA PHE C 117 3.03 22.11 -31.23
C PHE C 117 1.91 22.29 -32.24
N PRO C 118 2.07 23.10 -33.27
CA PRO C 118 1.03 23.23 -34.29
C PRO C 118 1.02 22.01 -35.20
N PRO C 119 -0.06 21.79 -35.95
CA PRO C 119 -0.08 20.67 -36.89
C PRO C 119 0.90 20.92 -38.03
N SER C 120 1.62 19.86 -38.40
CA SER C 120 2.60 19.95 -39.48
C SER C 120 1.90 20.20 -40.81
N ASP C 121 2.65 20.81 -41.74
CA ASP C 121 2.10 21.06 -43.07
C ASP C 121 1.96 19.78 -43.88
N GLU C 122 2.83 18.79 -43.62
CA GLU C 122 2.67 17.48 -44.25
C GLU C 122 1.34 16.85 -43.85
N GLN C 123 0.98 16.96 -42.57
CA GLN C 123 -0.28 16.42 -42.10
C GLN C 123 -1.46 17.24 -42.60
N LEU C 124 -1.26 18.54 -42.85
CA LEU C 124 -2.34 19.37 -43.36
C LEU C 124 -2.67 19.03 -44.80
N LYS C 125 -1.70 18.51 -45.57
CA LYS C 125 -1.96 18.10 -46.94
C LYS C 125 -3.11 17.09 -46.99
N SER C 126 -3.09 16.11 -46.09
CA SER C 126 -4.10 15.05 -46.08
C SER C 126 -5.41 15.47 -45.41
N GLY C 127 -5.50 16.70 -44.93
CA GLY C 127 -6.78 17.25 -44.50
C GLY C 127 -7.11 17.15 -43.02
N THR C 128 -6.13 16.90 -42.16
CA THR C 128 -6.38 16.78 -40.72
C THR C 128 -5.29 17.54 -39.97
N ALA C 129 -5.69 18.21 -38.89
CA ALA C 129 -4.77 18.96 -38.05
C ALA C 129 -4.74 18.35 -36.65
N SER C 130 -3.55 17.99 -36.19
CA SER C 130 -3.35 17.47 -34.84
C SER C 130 -2.48 18.45 -34.08
N VAL C 131 -3.08 19.18 -33.15
CA VAL C 131 -2.36 20.09 -32.27
C VAL C 131 -1.99 19.32 -31.01
N VAL C 132 -0.72 19.42 -30.61
CA VAL C 132 -0.16 18.60 -29.54
C VAL C 132 0.28 19.51 -28.40
N CYS C 133 -0.04 19.11 -27.18
CA CYS C 133 0.36 19.79 -25.95
C CYS C 133 1.14 18.83 -25.08
N LEU C 134 2.25 19.31 -24.51
CA LEU C 134 3.16 18.46 -23.75
C LEU C 134 3.35 19.02 -22.35
N LEU C 135 3.19 18.17 -21.34
CA LEU C 135 3.48 18.47 -19.94
C LEU C 135 4.65 17.57 -19.56
N ASN C 136 5.86 18.15 -19.54
CA ASN C 136 7.06 17.33 -19.66
C ASN C 136 7.38 16.53 -18.40
N ASN C 137 7.49 17.21 -17.25
CA ASN C 137 7.93 16.47 -16.04
C ASN C 137 7.28 17.07 -14.79
N PHE C 138 6.37 16.34 -14.16
CA PHE C 138 5.63 16.85 -13.01
C PHE C 138 5.30 15.72 -12.05
N TYR C 139 5.01 16.10 -10.80
CA TYR C 139 4.52 15.22 -9.77
C TYR C 139 3.60 16.07 -8.89
N PRO C 140 2.44 15.53 -8.47
CA PRO C 140 1.93 14.16 -8.68
C PRO C 140 1.34 13.94 -10.07
N ARG C 141 0.59 12.86 -10.23
CA ARG C 141 0.11 12.50 -11.60
C ARG C 141 -1.06 13.37 -12.05
N GLU C 142 -1.86 13.86 -11.11
CA GLU C 142 -3.08 14.60 -11.52
C GLU C 142 -2.75 15.94 -12.18
N ALA C 143 -3.40 16.22 -13.31
CA ALA C 143 -3.23 17.48 -14.03
C ALA C 143 -4.42 17.69 -14.95
N LYS C 144 -4.71 18.95 -15.23
CA LYS C 144 -5.79 19.32 -16.13
C LYS C 144 -5.22 20.00 -17.36
N VAL C 145 -5.65 19.54 -18.54
CA VAL C 145 -5.27 20.14 -19.81
C VAL C 145 -6.54 20.60 -20.50
N GLN C 146 -6.65 21.91 -20.75
CA GLN C 146 -7.80 22.50 -21.41
C GLN C 146 -7.38 23.08 -22.75
N TRP C 147 -8.07 22.66 -23.80
CA TRP C 147 -7.80 23.15 -25.15
C TRP C 147 -8.72 24.32 -25.46
N LYS C 148 -8.14 25.42 -25.94
CA LYS C 148 -8.88 26.62 -26.31
C LYS C 148 -8.61 26.96 -27.76
N VAL C 149 -9.69 27.09 -28.55
CA VAL C 149 -9.65 27.58 -29.91
C VAL C 149 -10.38 28.91 -29.96
N ASP C 150 -9.64 29.98 -30.28
CA ASP C 150 -10.16 31.35 -30.26
C ASP C 150 -10.89 31.63 -28.95
N ASN C 151 -10.29 31.17 -27.86
CA ASN C 151 -10.79 31.33 -26.49
C ASN C 151 -12.06 30.54 -26.22
N ALA C 152 -12.37 29.54 -27.05
CA ALA C 152 -13.51 28.66 -26.83
C ALA C 152 -13.01 27.34 -26.25
N LEU C 153 -13.53 26.96 -25.09
CA LEU C 153 -13.10 25.73 -24.45
C LEU C 153 -13.66 24.53 -25.20
N GLN C 154 -12.81 23.54 -25.44
CA GLN C 154 -13.17 22.40 -26.29
C GLN C 154 -13.45 21.16 -25.46
N SER C 155 -14.34 20.31 -26.00
CA SER C 155 -14.71 19.05 -25.38
C SER C 155 -14.98 18.03 -26.46
N GLY C 156 -14.57 16.79 -26.20
CA GLY C 156 -14.89 15.68 -27.07
C GLY C 156 -14.06 15.58 -28.33
N ASN C 157 -13.00 16.37 -28.47
CA ASN C 157 -12.14 16.29 -29.65
C ASN C 157 -10.66 16.28 -29.25
N SER C 158 -10.36 15.79 -28.06
CA SER C 158 -8.99 15.68 -27.60
C SER C 158 -8.78 14.33 -26.92
N GLN C 159 -7.53 13.85 -27.01
CA GLN C 159 -7.17 12.56 -26.38
C GLN C 159 -5.81 12.78 -25.69
N GLU C 160 -5.70 12.33 -24.44
CA GLU C 160 -4.44 12.53 -23.68
C GLU C 160 -3.85 11.18 -23.29
N SER C 161 -2.52 11.11 -23.24
CA SER C 161 -1.79 9.89 -22.84
C SER C 161 -0.74 10.34 -21.82
N VAL C 162 -0.59 9.58 -20.73
CA VAL C 162 0.34 9.92 -19.66
C VAL C 162 1.36 8.79 -19.50
N THR C 163 2.62 9.19 -19.34
CA THR C 163 3.68 8.18 -19.26
C THR C 163 3.74 7.53 -17.88
N GLU C 164 4.26 6.31 -17.81
CA GLU C 164 4.51 5.68 -16.54
C GLU C 164 5.50 6.51 -15.74
N GLN C 165 5.61 6.20 -14.45
CA GLN C 165 6.50 6.95 -13.58
C GLN C 165 7.95 6.75 -14.02
N ASP C 166 8.66 7.88 -14.16
CA ASP C 166 10.07 7.83 -14.59
C ASP C 166 10.87 7.03 -13.58
N SER C 167 11.76 6.17 -14.05
CA SER C 167 12.53 5.32 -13.17
C SER C 167 13.78 5.99 -12.62
N LYS C 168 13.92 7.31 -12.77
CA LYS C 168 15.06 8.01 -12.22
C LYS C 168 14.67 9.17 -11.32
N ASP C 169 13.72 10.02 -11.75
CA ASP C 169 13.27 11.13 -10.94
C ASP C 169 11.81 11.03 -10.53
N SER C 170 11.11 9.96 -10.92
CA SER C 170 9.77 9.64 -10.46
C SER C 170 8.73 10.68 -10.88
N THR C 171 9.01 11.38 -11.97
CA THR C 171 8.06 12.41 -12.46
C THR C 171 7.05 11.77 -13.42
N TYR C 172 6.16 12.58 -14.00
CA TYR C 172 5.18 12.07 -14.98
C TYR C 172 5.18 12.98 -16.20
N SER C 173 4.85 12.46 -17.38
CA SER C 173 4.73 13.30 -18.59
C SER C 173 3.37 13.06 -19.23
N LEU C 174 2.74 14.12 -19.75
CA LEU C 174 1.43 14.03 -20.37
C LEU C 174 1.47 14.62 -21.77
N SER C 175 0.73 13.98 -22.68
CA SER C 175 0.61 14.48 -24.06
C SER C 175 -0.88 14.55 -24.42
N SER C 176 -1.34 15.70 -24.91
CA SER C 176 -2.72 15.87 -25.32
C SER C 176 -2.75 16.25 -26.79
N THR C 177 -3.57 15.51 -27.54
CA THR C 177 -3.71 15.76 -29.00
C THR C 177 -5.10 16.29 -29.32
N LEU C 178 -5.18 17.48 -29.90
CA LEU C 178 -6.44 18.06 -30.34
C LEU C 178 -6.57 17.85 -31.84
N THR C 179 -7.57 17.08 -32.25
CA THR C 179 -7.74 16.67 -33.64
C THR C 179 -8.90 17.45 -34.26
N LEU C 180 -8.62 18.15 -35.35
CA LEU C 180 -9.62 18.90 -36.09
C LEU C 180 -9.45 18.64 -37.58
N SER C 181 -10.54 18.83 -38.32
CA SER C 181 -10.45 18.78 -39.77
C SER C 181 -9.69 20.00 -40.28
N LYS C 182 -9.15 19.88 -41.49
CA LYS C 182 -8.41 21.00 -42.08
C LYS C 182 -9.30 22.23 -42.23
N ALA C 183 -10.60 22.03 -42.42
CA ALA C 183 -11.52 23.16 -42.52
C ALA C 183 -11.55 23.95 -41.22
N ASP C 184 -11.82 23.27 -40.10
CA ASP C 184 -11.91 23.95 -38.82
C ASP C 184 -10.59 24.63 -38.45
N TYR C 185 -9.46 23.96 -38.71
CA TYR C 185 -8.17 24.52 -38.31
C TYR C 185 -7.89 25.84 -39.02
N GLU C 186 -8.24 25.92 -40.31
CA GLU C 186 -8.02 27.15 -41.06
C GLU C 186 -9.08 28.21 -40.77
N LYS C 187 -10.15 27.87 -40.04
CA LYS C 187 -11.22 28.79 -39.70
C LYS C 187 -10.97 29.56 -38.40
N HIS C 188 -9.88 29.28 -37.71
CA HIS C 188 -9.59 29.91 -36.43
C HIS C 188 -8.14 30.36 -36.42
N LYS C 189 -7.79 31.18 -35.42
CA LYS C 189 -6.50 31.85 -35.40
C LYS C 189 -5.61 31.40 -34.26
N VAL C 190 -6.04 31.59 -33.00
CA VAL C 190 -5.20 31.33 -31.83
C VAL C 190 -5.61 30.01 -31.20
N TYR C 191 -4.62 29.14 -30.97
CA TYR C 191 -4.84 27.83 -30.37
C TYR C 191 -4.06 27.76 -29.07
N ALA C 192 -4.77 27.55 -27.96
CA ALA C 192 -4.18 27.66 -26.63
C ALA C 192 -4.36 26.37 -25.85
N CYS C 193 -3.42 26.14 -24.93
CA CYS C 193 -3.43 25.00 -24.02
C CYS C 193 -3.37 25.53 -22.59
N GLU C 194 -4.39 25.24 -21.79
CA GLU C 194 -4.48 25.71 -20.42
C GLU C 194 -4.21 24.56 -19.47
N VAL C 195 -3.17 24.70 -18.65
CA VAL C 195 -2.66 23.62 -17.81
C VAL C 195 -2.86 23.98 -16.34
N THR C 196 -3.51 23.07 -15.61
CA THR C 196 -3.73 23.29 -14.16
C THR C 196 -3.07 22.14 -13.39
N HIS C 197 -2.14 22.45 -12.48
CA HIS C 197 -1.43 21.44 -11.71
C HIS C 197 -1.27 21.90 -10.27
N GLN C 198 -1.10 20.93 -9.38
CA GLN C 198 -0.89 21.21 -7.96
C GLN C 198 0.33 22.10 -7.74
N GLY C 199 1.42 21.83 -8.46
CA GLY C 199 2.63 22.64 -8.31
C GLY C 199 2.58 23.98 -8.99
N LEU C 200 1.50 24.29 -9.71
CA LEU C 200 1.34 25.57 -10.38
C LEU C 200 0.47 26.47 -9.51
N SER C 201 1.01 27.64 -9.15
CA SER C 201 0.23 28.59 -8.37
C SER C 201 -0.95 29.13 -9.17
N SER C 202 -0.72 29.33 -10.47
CA SER C 202 -1.79 29.84 -11.36
C SER C 202 -1.73 29.09 -12.69
N PRO C 203 -2.87 28.73 -13.32
CA PRO C 203 -2.86 27.95 -14.56
C PRO C 203 -1.97 28.60 -15.62
N VAL C 204 -1.21 27.78 -16.32
CA VAL C 204 -0.26 28.22 -17.33
C VAL C 204 -0.83 27.91 -18.71
N THR C 205 -0.78 28.90 -19.59
CA THR C 205 -1.34 28.78 -20.93
C THR C 205 -0.25 29.02 -21.97
N LYS C 206 -0.17 28.15 -22.96
CA LYS C 206 0.72 28.31 -24.10
C LYS C 206 -0.12 28.28 -25.38
N SER C 207 0.20 29.21 -26.27
CA SER C 207 -0.65 29.34 -27.48
C SER C 207 0.18 29.75 -28.68
N PHE C 208 -0.46 29.76 -29.84
CA PHE C 208 0.19 30.13 -31.09
C PHE C 208 -0.84 30.66 -32.07
N ASN C 209 -0.40 31.51 -32.99
CA ASN C 209 -1.21 32.06 -34.06
C ASN C 209 -0.76 31.45 -35.38
N ARG C 210 -1.72 30.96 -36.17
CA ARG C 210 -1.38 30.43 -37.49
C ARG C 210 -0.84 31.53 -38.39
N GLN D 1 24.86 -16.89 -21.84
CA GLN D 1 23.66 -16.93 -21.01
C GLN D 1 22.57 -17.70 -21.73
N VAL D 2 21.37 -17.64 -21.18
CA VAL D 2 20.20 -18.24 -21.80
C VAL D 2 19.43 -17.15 -22.52
N THR D 3 19.13 -17.39 -23.79
CA THR D 3 18.37 -16.45 -24.61
C THR D 3 17.12 -17.15 -25.12
N LEU D 4 16.01 -16.42 -25.20
CA LEU D 4 14.77 -16.92 -25.77
C LEU D 4 14.13 -15.81 -26.59
N ARG D 5 13.62 -16.17 -27.76
CA ARG D 5 12.96 -15.22 -28.65
C ARG D 5 11.66 -15.83 -29.15
N GLU D 6 10.56 -15.27 -28.67
CA GLU D 6 9.23 -15.67 -29.17
C GLU D 6 9.00 -15.05 -30.53
N SER D 7 8.45 -15.82 -31.46
CA SER D 7 8.11 -15.34 -32.79
C SER D 7 6.68 -15.75 -33.10
N GLY D 8 6.01 -14.90 -33.86
CA GLY D 8 4.65 -15.17 -34.25
C GLY D 8 3.98 -13.94 -34.84
N PRO D 9 2.73 -14.10 -35.28
CA PRO D 9 2.01 -12.96 -35.86
C PRO D 9 1.65 -11.94 -34.81
N ALA D 10 1.51 -10.69 -35.25
CA ALA D 10 0.94 -9.63 -34.43
C ALA D 10 -0.58 -9.57 -34.52
N LEU D 11 -1.14 -10.26 -35.50
CA LEU D 11 -2.60 -10.16 -35.73
C LEU D 11 -3.17 -11.54 -36.03
N VAL D 12 -4.36 -11.83 -35.53
CA VAL D 12 -5.05 -13.10 -35.79
C VAL D 12 -6.56 -12.88 -35.78
N LYS D 13 -7.23 -13.32 -36.84
CA LYS D 13 -8.67 -13.07 -36.95
C LYS D 13 -9.40 -14.03 -36.00
N PRO D 14 -10.54 -13.63 -35.45
CA PRO D 14 -11.28 -14.47 -34.51
C PRO D 14 -11.52 -15.86 -35.08
N THR D 15 -11.46 -16.86 -34.19
CA THR D 15 -11.62 -18.29 -34.45
C THR D 15 -10.46 -18.92 -35.21
N GLN D 16 -9.43 -18.16 -35.55
CA GLN D 16 -8.24 -18.75 -36.17
C GLN D 16 -7.38 -19.41 -35.11
N THR D 17 -6.23 -19.93 -35.54
CA THR D 17 -5.31 -20.63 -34.65
C THR D 17 -3.97 -19.90 -34.61
N LEU D 18 -3.62 -19.39 -33.44
CA LEU D 18 -2.33 -18.75 -33.24
C LEU D 18 -1.24 -19.81 -33.06
N THR D 19 -0.11 -19.61 -33.74
CA THR D 19 1.04 -20.49 -33.61
C THR D 19 2.25 -19.63 -33.25
N LEU D 20 2.78 -19.84 -32.04
CA LEU D 20 3.95 -19.12 -31.57
C LEU D 20 5.15 -20.06 -31.51
N THR D 21 6.34 -19.48 -31.66
CA THR D 21 7.58 -20.24 -31.69
C THR D 21 8.59 -19.58 -30.77
N CYS D 22 9.11 -20.33 -29.80
CA CYS D 22 10.13 -19.85 -28.89
C CYS D 22 11.46 -20.50 -29.27
N THR D 23 12.37 -19.71 -29.81
CA THR D 23 13.70 -20.17 -30.17
C THR D 23 14.68 -19.76 -29.08
N PHE D 24 15.28 -20.74 -28.41
CA PHE D 24 16.15 -20.47 -27.29
C PHE D 24 17.60 -20.82 -27.62
N SER D 25 18.47 -20.49 -26.68
CA SER D 25 19.89 -20.78 -26.78
C SER D 25 20.49 -20.74 -25.39
N GLY D 26 21.67 -21.35 -25.27
CA GLY D 26 22.37 -21.41 -24.00
C GLY D 26 22.02 -22.60 -23.13
N PHE D 27 21.03 -23.36 -23.56
CA PHE D 27 20.59 -24.55 -22.79
C PHE D 27 20.03 -25.53 -23.81
N SER D 28 20.05 -26.81 -23.48
CA SER D 28 19.54 -27.84 -24.41
C SER D 28 18.28 -28.46 -23.81
N LEU D 29 17.26 -28.71 -24.61
CA LEU D 29 16.07 -29.41 -24.04
C LEU D 29 16.33 -30.90 -24.00
N SER D 30 17.41 -31.35 -24.61
CA SER D 30 17.79 -32.75 -24.42
C SER D 30 18.48 -32.99 -23.09
N THR D 31 18.90 -31.91 -22.43
CA THR D 31 19.54 -31.99 -21.08
C THR D 31 18.44 -32.33 -20.07
N ALA D 32 18.76 -33.15 -19.09
CA ALA D 32 17.75 -33.67 -18.15
C ALA D 32 17.34 -32.63 -17.10
N GLY D 33 16.05 -32.60 -16.77
CA GLY D 33 15.54 -31.62 -15.82
C GLY D 33 15.03 -30.37 -16.49
N MET D 34 15.31 -30.22 -17.79
CA MET D 34 14.98 -28.94 -18.48
C MET D 34 13.51 -28.87 -18.90
N SER D 35 13.00 -27.66 -19.08
CA SER D 35 11.58 -27.45 -19.43
C SER D 35 11.42 -26.05 -20.03
N VAL D 36 10.45 -25.88 -20.92
CA VAL D 36 10.14 -24.53 -21.44
C VAL D 36 8.63 -24.35 -21.30
N GLY D 37 8.20 -23.23 -20.71
CA GLY D 37 6.79 -22.96 -20.52
C GLY D 37 6.38 -21.65 -21.18
N TRP D 38 5.07 -21.51 -21.37
CA TRP D 38 4.48 -20.32 -21.97
C TRP D 38 3.62 -19.59 -20.95
N ILE D 39 3.79 -18.27 -20.87
CA ILE D 39 3.02 -17.42 -19.97
C ILE D 39 2.52 -16.23 -20.77
N ARG D 40 1.30 -15.81 -20.45
CA ARG D 40 0.70 -14.65 -21.17
C ARG D 40 0.28 -13.57 -20.20
N GLN D 41 0.00 -12.41 -20.74
CA GLN D 41 -0.45 -11.27 -19.96
C GLN D 41 -1.32 -10.34 -20.82
N PRO D 42 -2.65 -10.25 -20.55
CA PRO D 42 -3.47 -9.26 -21.24
C PRO D 42 -2.86 -7.90 -20.91
N PRO D 43 -3.18 -6.80 -21.62
CA PRO D 43 -2.45 -5.54 -21.40
C PRO D 43 -2.54 -4.96 -19.98
N GLY D 44 -3.71 -4.97 -19.35
CA GLY D 44 -3.86 -4.46 -17.98
C GLY D 44 -3.94 -5.53 -16.90
N LYS D 45 -3.76 -6.81 -17.22
CA LYS D 45 -4.02 -7.87 -16.22
C LYS D 45 -2.76 -8.55 -15.67
N ALA D 46 -2.95 -9.50 -14.74
CA ALA D 46 -1.85 -10.24 -14.13
C ALA D 46 -1.34 -11.32 -15.08
N LEU D 47 -0.16 -11.83 -14.75
CA LEU D 47 0.43 -12.92 -15.52
C LEU D 47 -0.36 -14.20 -15.32
N GLU D 48 -0.50 -14.94 -16.42
CA GLU D 48 -1.25 -16.21 -16.39
C GLU D 48 -0.40 -17.27 -17.08
N TRP D 49 -0.13 -18.35 -16.38
CA TRP D 49 0.60 -19.46 -16.98
C TRP D 49 -0.29 -20.20 -17.98
N LEU D 50 0.31 -20.72 -19.04
CA LEU D 50 -0.47 -21.41 -20.10
C LEU D 50 -0.09 -22.90 -20.20
N ALA D 51 1.17 -23.22 -20.50
CA ALA D 51 1.54 -24.61 -20.69
C ALA D 51 3.06 -24.75 -20.52
N ASP D 52 3.51 -25.99 -20.40
CA ASP D 52 4.93 -26.30 -20.38
C ASP D 52 5.20 -27.61 -21.08
N ILE D 53 6.47 -27.81 -21.45
CA ILE D 53 6.91 -29.08 -22.06
C ILE D 53 8.27 -29.40 -21.41
N TRP D 54 8.53 -30.66 -21.15
CA TRP D 54 9.77 -31.04 -20.45
C TRP D 54 10.67 -31.87 -21.36
N TRP D 55 11.86 -32.23 -20.90
CA TRP D 55 12.85 -32.93 -21.74
C TRP D 55 12.39 -34.35 -22.05
N ASP D 56 11.56 -34.94 -21.19
CA ASP D 56 11.02 -36.25 -21.46
C ASP D 56 9.69 -36.19 -22.21
N ASP D 57 9.38 -35.05 -22.82
CA ASP D 57 8.16 -34.79 -23.58
C ASP D 57 6.91 -34.76 -22.70
N LYS D 58 7.08 -34.69 -21.38
CA LYS D 58 5.93 -34.54 -20.49
C LYS D 58 5.35 -33.14 -20.65
N LYS D 59 4.02 -33.05 -20.66
CA LYS D 59 3.32 -31.80 -20.96
C LYS D 59 2.21 -31.56 -19.95
N HIS D 60 2.10 -30.32 -19.49
CA HIS D 60 1.00 -29.93 -18.57
C HIS D 60 0.38 -28.65 -19.15
N TYR D 61 -0.94 -28.54 -19.12
CA TYR D 61 -1.57 -27.35 -19.73
C TYR D 61 -2.51 -26.70 -18.71
N ASN D 62 -2.69 -25.38 -18.79
CA ASN D 62 -3.58 -24.68 -17.84
C ASN D 62 -4.99 -25.26 -17.99
N PRO D 63 -5.68 -25.61 -16.89
CA PRO D 63 -7.05 -26.08 -16.99
C PRO D 63 -7.87 -25.06 -17.77
N SER D 64 -7.58 -23.78 -17.58
CA SER D 64 -8.27 -22.75 -18.37
C SER D 64 -7.80 -22.93 -19.81
N LEU D 65 -8.44 -22.29 -20.78
CA LEU D 65 -7.93 -22.52 -22.16
C LEU D 65 -7.87 -24.02 -22.36
N LYS D 66 -8.79 -24.75 -21.73
CA LYS D 66 -8.84 -26.21 -21.89
C LYS D 66 -9.17 -26.55 -23.33
N ASP D 67 -8.55 -27.61 -23.87
CA ASP D 67 -8.88 -28.07 -25.24
C ASP D 67 -8.35 -27.06 -26.27
N ARG D 68 -7.98 -25.86 -25.84
CA ARG D 68 -7.57 -24.83 -26.82
C ARG D 68 -6.05 -24.75 -26.90
N LEU D 69 -5.35 -25.70 -26.30
CA LEU D 69 -3.88 -25.53 -26.28
C LEU D 69 -3.11 -26.79 -26.68
N THR D 70 -2.01 -26.63 -27.43
CA THR D 70 -1.12 -27.77 -27.82
C THR D 70 0.34 -27.32 -27.82
N ILE D 71 1.22 -28.04 -27.12
CA ILE D 71 2.65 -27.66 -27.02
C ILE D 71 3.55 -28.79 -27.57
N SER D 72 4.58 -28.46 -28.34
CA SER D 72 5.51 -29.45 -28.85
C SER D 72 6.91 -28.88 -28.85
N LYS D 73 7.90 -29.73 -29.14
CA LYS D 73 9.30 -29.34 -29.14
C LYS D 73 10.05 -30.02 -30.27
N ASP D 74 10.99 -29.29 -30.85
CA ASP D 74 11.93 -29.81 -31.84
C ASP D 74 13.31 -29.52 -31.27
N THR D 75 13.85 -30.48 -30.51
CA THR D 75 15.13 -30.25 -29.82
C THR D 75 16.26 -30.00 -30.82
N SER D 76 16.22 -30.67 -31.97
CA SER D 76 17.21 -30.41 -33.02
C SER D 76 17.19 -28.94 -33.43
N LYS D 77 15.99 -28.39 -33.65
CA LYS D 77 15.85 -27.00 -34.02
C LYS D 77 15.88 -26.06 -32.83
N ASN D 78 15.96 -26.61 -31.60
CA ASN D 78 16.10 -25.81 -30.38
C ASN D 78 14.96 -24.81 -30.20
N GLN D 79 13.73 -25.25 -30.46
CA GLN D 79 12.60 -24.34 -30.32
C GLN D 79 11.38 -25.07 -29.79
N VAL D 80 10.44 -24.29 -29.26
CA VAL D 80 9.21 -24.77 -28.66
C VAL D 80 8.04 -24.05 -29.32
N VAL D 81 7.02 -24.80 -29.71
CA VAL D 81 5.86 -24.26 -30.42
C VAL D 81 4.62 -24.43 -29.57
N LEU D 82 3.83 -23.37 -29.45
CA LEU D 82 2.54 -23.45 -28.73
C LEU D 82 1.43 -23.06 -29.70
N LYS D 83 0.29 -23.76 -29.64
CA LYS D 83 -0.83 -23.49 -30.59
C LYS D 83 -2.10 -23.17 -29.80
N VAL D 84 -2.76 -22.06 -30.15
CA VAL D 84 -3.99 -21.64 -29.42
C VAL D 84 -5.17 -21.64 -30.41
N THR D 85 -6.15 -22.51 -30.18
CA THR D 85 -7.31 -22.64 -31.09
C THR D 85 -8.39 -21.62 -30.73
N ASN D 86 -9.33 -21.38 -31.64
CA ASN D 86 -10.53 -20.52 -31.42
C ASN D 86 -10.07 -19.18 -30.83
N MET D 87 -9.12 -18.52 -31.50
CA MET D 87 -8.58 -17.25 -30.98
C MET D 87 -9.74 -16.27 -30.80
N ASP D 88 -9.72 -15.51 -29.70
CA ASP D 88 -10.83 -14.56 -29.40
C ASP D 88 -10.21 -13.29 -28.84
N PRO D 89 -10.78 -12.10 -29.05
CA PRO D 89 -10.28 -10.86 -28.41
C PRO D 89 -9.80 -11.00 -26.96
N ALA D 90 -10.44 -11.89 -26.19
CA ALA D 90 -9.99 -12.15 -24.84
C ALA D 90 -8.60 -12.77 -24.79
N ASP D 91 -8.11 -13.29 -25.91
CA ASP D 91 -6.77 -13.83 -25.99
C ASP D 91 -5.73 -12.81 -26.45
N THR D 92 -6.15 -11.56 -26.67
CA THR D 92 -5.22 -10.51 -27.06
C THR D 92 -4.32 -10.15 -25.88
N ALA D 93 -3.02 -10.42 -26.02
CA ALA D 93 -2.11 -10.30 -24.88
C ALA D 93 -0.68 -10.31 -25.42
N THR D 94 0.27 -10.15 -24.48
CA THR D 94 1.69 -10.34 -24.75
C THR D 94 2.08 -11.72 -24.25
N TYR D 95 2.68 -12.53 -25.12
CA TYR D 95 2.97 -13.93 -24.82
C TYR D 95 4.47 -14.10 -24.62
N TYR D 96 4.84 -14.64 -23.46
CA TYR D 96 6.23 -14.90 -23.12
C TYR D 96 6.49 -16.40 -23.05
N CYS D 97 7.69 -16.80 -23.45
CA CYS D 97 8.22 -18.13 -23.16
C CYS D 97 9.34 -18.00 -22.14
N ALA D 98 9.59 -19.08 -21.41
CA ALA D 98 10.55 -19.00 -20.33
C ALA D 98 11.09 -20.39 -20.01
N ARG D 99 12.34 -20.41 -19.55
CA ARG D 99 13.02 -21.65 -19.17
C ARG D 99 12.55 -22.12 -17.80
N ASP D 100 12.73 -23.40 -17.51
CA ASP D 100 12.35 -23.97 -16.19
C ASP D 100 13.19 -25.22 -15.99
N MET D 101 13.21 -25.78 -14.79
CA MET D 101 14.09 -26.93 -14.48
C MET D 101 13.44 -27.73 -13.35
N ILE D 102 13.50 -29.05 -13.39
CA ILE D 102 13.03 -29.85 -12.26
C ILE D 102 13.79 -29.49 -10.99
N PHE D 103 14.99 -28.94 -11.13
CA PHE D 103 15.78 -28.55 -9.96
C PHE D 103 15.26 -27.27 -9.35
N ASN D 104 14.64 -26.41 -10.13
CA ASN D 104 14.06 -25.16 -9.64
C ASN D 104 12.73 -24.95 -10.35
N PHE D 105 11.63 -25.06 -9.60
CA PHE D 105 10.30 -25.04 -10.20
C PHE D 105 9.80 -23.59 -10.33
N TYR D 106 10.64 -22.80 -11.01
CA TYR D 106 10.34 -21.38 -11.27
C TYR D 106 10.96 -21.03 -12.61
N PHE D 107 10.49 -19.96 -13.24
CA PHE D 107 11.00 -19.49 -14.53
C PHE D 107 12.13 -18.51 -14.28
N ASP D 108 13.37 -18.95 -14.50
CA ASP D 108 14.51 -18.08 -14.20
C ASP D 108 14.78 -17.09 -15.33
N VAL D 109 14.63 -17.51 -16.58
CA VAL D 109 14.95 -16.68 -17.73
C VAL D 109 13.71 -16.58 -18.62
N TRP D 110 13.41 -15.36 -19.08
CA TRP D 110 12.19 -15.12 -19.88
C TRP D 110 12.53 -14.46 -21.21
N GLY D 111 11.84 -14.81 -22.29
CA GLY D 111 11.96 -14.10 -23.54
C GLY D 111 11.38 -12.71 -23.44
N GLN D 112 11.59 -11.89 -24.49
CA GLN D 112 11.17 -10.46 -24.47
C GLN D 112 9.66 -10.30 -24.55
N GLY D 113 8.98 -11.24 -25.19
CA GLY D 113 7.52 -11.19 -25.31
C GLY D 113 7.05 -10.75 -26.67
N THR D 114 6.04 -11.42 -27.20
CA THR D 114 5.47 -10.93 -28.45
C THR D 114 4.02 -10.57 -28.20
N THR D 115 3.64 -9.40 -28.72
CA THR D 115 2.25 -8.91 -28.56
C THR D 115 1.37 -9.50 -29.68
N VAL D 116 0.19 -10.02 -29.33
CA VAL D 116 -0.73 -10.57 -30.37
C VAL D 116 -2.11 -9.97 -30.13
N THR D 117 -2.70 -9.37 -31.17
CA THR D 117 -4.05 -8.77 -31.06
C THR D 117 -5.02 -9.64 -31.86
N VAL D 118 -6.14 -10.04 -31.28
CA VAL D 118 -7.10 -10.80 -32.10
C VAL D 118 -8.12 -9.79 -32.64
N SER D 119 -8.10 -9.56 -33.95
CA SER D 119 -9.02 -8.56 -34.55
C SER D 119 -9.34 -8.88 -36.01
N SER D 120 -10.58 -8.67 -36.43
CA SER D 120 -10.97 -8.80 -37.86
C SER D 120 -10.19 -7.77 -38.68
N ALA D 121 -9.96 -6.57 -38.12
CA ALA D 121 -9.39 -5.44 -38.90
C ALA D 121 -7.99 -5.67 -39.47
N SER D 122 -7.75 -5.11 -40.66
CA SER D 122 -6.47 -5.32 -41.36
C SER D 122 -5.36 -4.44 -40.81
N THR D 123 -4.12 -4.79 -41.12
CA THR D 123 -2.93 -4.00 -40.67
C THR D 123 -2.76 -2.71 -41.47
N LYS D 124 -2.13 -1.69 -40.88
CA LYS D 124 -1.81 -0.44 -41.54
C LYS D 124 -0.58 0.17 -40.90
N GLY D 125 0.41 0.51 -41.72
CA GLY D 125 1.57 1.22 -41.25
C GLY D 125 1.23 2.66 -40.90
N PRO D 126 2.02 3.25 -40.01
CA PRO D 126 1.70 4.59 -39.51
C PRO D 126 2.20 5.71 -40.41
N SER D 127 1.75 6.92 -40.08
CA SER D 127 2.23 8.15 -40.69
C SER D 127 2.95 8.96 -39.62
N VAL D 128 4.13 9.47 -39.94
CA VAL D 128 5.01 10.11 -38.98
C VAL D 128 5.15 11.58 -39.36
N PHE D 129 4.75 12.46 -38.45
CA PHE D 129 4.82 13.90 -38.63
C PHE D 129 5.73 14.54 -37.59
N PRO D 130 6.35 15.68 -37.91
CA PRO D 130 7.22 16.32 -36.94
C PRO D 130 6.46 17.22 -35.99
N LEU D 131 7.03 17.39 -34.80
CA LEU D 131 6.58 18.37 -33.80
C LEU D 131 7.74 19.34 -33.61
N ALA D 132 7.77 20.37 -34.44
CA ALA D 132 8.90 21.27 -34.52
C ALA D 132 8.88 22.32 -33.40
N PRO D 133 10.06 22.72 -32.91
CA PRO D 133 10.17 23.76 -31.88
C PRO D 133 9.72 25.13 -32.39
N THR D 142 15.79 25.79 -22.93
CA THR D 142 15.42 24.42 -23.20
C THR D 142 14.22 24.36 -24.15
N ALA D 143 14.32 23.51 -25.18
CA ALA D 143 13.28 23.36 -26.17
C ALA D 143 12.81 21.91 -26.23
N ALA D 144 11.63 21.70 -26.81
CA ALA D 144 11.07 20.37 -27.02
C ALA D 144 10.72 20.18 -28.48
N LEU D 145 11.00 18.99 -28.99
CA LEU D 145 10.64 18.60 -30.35
C LEU D 145 10.16 17.16 -30.31
N GLY D 146 9.50 16.74 -31.38
CA GLY D 146 8.96 15.40 -31.33
C GLY D 146 8.48 14.91 -32.67
N CYS D 147 7.95 13.69 -32.59
CA CYS D 147 7.41 13.01 -33.79
C CYS D 147 6.00 12.55 -33.42
N LEU D 148 5.10 12.55 -34.39
CA LEU D 148 3.71 12.15 -34.18
C LEU D 148 3.42 10.94 -35.06
N VAL D 149 3.39 9.76 -34.45
CA VAL D 149 3.07 8.52 -35.14
C VAL D 149 1.55 8.37 -35.12
N LYS D 150 0.91 8.48 -36.28
CA LYS D 150 -0.51 8.82 -36.32
C LYS D 150 -1.46 7.64 -36.46
N ASP D 151 -1.41 6.94 -37.60
CA ASP D 151 -2.47 5.98 -37.94
C ASP D 151 -1.86 4.61 -38.24
N TYR D 152 -1.99 3.71 -37.25
CA TYR D 152 -1.38 2.37 -37.39
C TYR D 152 -2.19 1.31 -36.64
N PHE D 153 -2.19 0.08 -37.16
CA PHE D 153 -2.86 -1.07 -36.51
C PHE D 153 -2.08 -2.32 -36.94
N PRO D 154 -1.91 -3.35 -36.08
CA PRO D 154 -2.21 -3.24 -34.66
C PRO D 154 -0.98 -2.75 -33.88
N GLU D 155 -0.96 -2.98 -32.57
CA GLU D 155 0.24 -2.64 -31.76
C GLU D 155 1.29 -3.73 -32.00
N PRO D 156 2.60 -3.47 -31.81
CA PRO D 156 3.10 -2.22 -31.25
C PRO D 156 3.98 -1.37 -32.18
N VAL D 157 4.31 -0.15 -31.73
CA VAL D 157 5.24 0.71 -32.50
C VAL D 157 6.46 1.01 -31.64
N THR D 158 7.64 1.10 -32.25
CA THR D 158 8.89 1.33 -31.49
C THR D 158 9.51 2.65 -31.97
N VAL D 159 9.80 3.56 -31.03
CA VAL D 159 10.37 4.85 -31.39
C VAL D 159 11.71 5.01 -30.68
N SER D 160 12.75 5.29 -31.44
CA SER D 160 14.06 5.66 -30.91
C SER D 160 14.43 7.02 -31.48
N TRP D 161 15.44 7.65 -30.88
CA TRP D 161 15.88 8.98 -31.28
C TRP D 161 17.36 8.94 -31.61
N ASN D 162 17.70 9.28 -32.86
CA ASN D 162 19.08 9.29 -33.35
C ASN D 162 19.72 7.91 -33.21
N SER D 163 18.94 6.87 -33.47
CA SER D 163 19.41 5.48 -33.42
C SER D 163 19.98 5.13 -32.04
N GLY D 164 19.35 5.67 -31.00
CA GLY D 164 19.77 5.41 -29.64
C GLY D 164 20.81 6.36 -29.09
N ALA D 165 21.43 7.19 -29.93
CA ALA D 165 22.39 8.17 -29.45
C ALA D 165 21.75 9.17 -28.51
N LEU D 166 20.47 9.48 -28.74
CA LEU D 166 19.71 10.38 -27.89
C LEU D 166 18.76 9.54 -27.03
N THR D 167 19.00 9.51 -25.73
CA THR D 167 18.15 8.71 -24.85
C THR D 167 17.58 9.52 -23.69
N SER D 168 18.39 10.35 -23.04
CA SER D 168 17.90 11.12 -21.90
C SER D 168 16.96 12.22 -22.38
N GLY D 169 15.89 12.44 -21.61
CA GLY D 169 14.87 13.39 -21.99
C GLY D 169 13.87 12.87 -22.99
N VAL D 170 14.00 11.63 -23.45
CA VAL D 170 13.07 11.06 -24.42
C VAL D 170 11.85 10.54 -23.69
N HIS D 171 10.66 10.86 -24.23
CA HIS D 171 9.38 10.40 -23.64
C HIS D 171 8.46 9.87 -24.73
N THR D 172 8.38 8.56 -24.89
CA THR D 172 7.45 7.93 -25.86
C THR D 172 6.20 7.57 -25.07
N PHE D 173 5.07 8.20 -25.40
CA PHE D 173 3.83 8.03 -24.61
C PHE D 173 3.07 6.79 -25.05
N PRO D 174 2.30 6.19 -24.13
CA PRO D 174 1.46 5.03 -24.47
C PRO D 174 0.50 5.37 -25.60
N ALA D 175 0.30 4.40 -26.49
CA ALA D 175 -0.59 4.59 -27.62
C ALA D 175 -2.03 4.76 -27.14
N VAL D 176 -2.73 5.68 -27.78
CA VAL D 176 -4.17 5.86 -27.57
C VAL D 176 -4.89 5.34 -28.80
N LEU D 177 -6.11 4.85 -28.60
CA LEU D 177 -6.91 4.29 -29.67
C LEU D 177 -7.91 5.34 -30.14
N GLN D 178 -7.64 5.91 -31.31
CA GLN D 178 -8.51 6.95 -31.86
C GLN D 178 -9.86 6.36 -32.27
N SER D 179 -10.78 7.25 -32.65
CA SER D 179 -12.12 6.84 -33.06
C SER D 179 -12.10 6.03 -34.35
N SER D 180 -11.06 6.17 -35.17
CA SER D 180 -10.98 5.45 -36.44
C SER D 180 -10.65 3.98 -36.28
N GLY D 181 -10.44 3.50 -35.05
CA GLY D 181 -9.95 2.15 -34.84
C GLY D 181 -8.46 2.00 -35.02
N LEU D 182 -7.74 3.10 -35.26
CA LEU D 182 -6.30 3.09 -35.44
C LEU D 182 -5.63 3.74 -34.22
N TYR D 183 -4.45 3.24 -33.89
CA TYR D 183 -3.69 3.74 -32.76
C TYR D 183 -2.87 4.95 -33.15
N SER D 184 -2.67 5.84 -32.18
CA SER D 184 -1.79 6.99 -32.34
C SER D 184 -0.92 7.13 -31.09
N LEU D 185 0.30 7.60 -31.29
CA LEU D 185 1.20 7.83 -30.15
C LEU D 185 2.11 9.00 -30.49
N SER D 186 2.71 9.59 -29.47
CA SER D 186 3.62 10.74 -29.68
C SER D 186 4.96 10.46 -29.00
N SER D 187 6.03 11.05 -29.51
CA SER D 187 7.35 10.89 -28.85
C SER D 187 8.03 12.25 -28.89
N VAL D 188 8.45 12.71 -27.73
CA VAL D 188 9.11 14.00 -27.63
C VAL D 188 10.39 13.83 -26.83
N VAL D 189 11.30 14.80 -27.01
CA VAL D 189 12.57 14.82 -26.30
C VAL D 189 12.93 16.27 -26.02
N THR D 190 13.36 16.54 -24.79
CA THR D 190 13.76 17.88 -24.39
C THR D 190 15.25 18.08 -24.62
N VAL D 191 15.59 19.12 -25.36
CA VAL D 191 16.96 19.39 -25.74
C VAL D 191 17.27 20.87 -25.51
N PRO D 192 18.54 21.20 -25.34
CA PRO D 192 18.93 22.62 -25.24
C PRO D 192 18.46 23.39 -26.45
N SER D 193 17.94 24.60 -26.20
CA SER D 193 17.43 25.45 -27.31
C SER D 193 18.58 25.89 -28.21
N SER D 194 19.81 25.88 -27.70
CA SER D 194 20.95 26.25 -28.53
C SER D 194 21.28 25.17 -29.55
N SER D 195 21.03 23.90 -29.22
CA SER D 195 21.38 22.80 -30.11
C SER D 195 20.56 22.81 -31.40
N LEU D 196 19.39 23.45 -31.39
CA LEU D 196 18.58 23.53 -32.59
C LEU D 196 19.31 24.31 -33.68
N GLY D 197 19.18 23.87 -34.93
CA GLY D 197 19.89 24.49 -36.02
C GLY D 197 21.30 23.96 -36.16
N THR D 198 21.95 23.68 -35.03
CA THR D 198 23.30 23.14 -35.02
C THR D 198 23.32 21.62 -34.96
N GLN D 199 22.37 21.01 -34.25
CA GLN D 199 22.34 19.56 -34.03
C GLN D 199 21.22 18.93 -34.83
N THR D 200 21.48 17.75 -35.37
CA THR D 200 20.49 17.01 -36.16
C THR D 200 19.67 16.12 -35.24
N TYR D 201 18.34 16.13 -35.44
CA TYR D 201 17.43 15.33 -34.63
C TYR D 201 16.53 14.50 -35.54
N ILE D 202 16.73 13.19 -35.53
CA ILE D 202 15.89 12.25 -36.27
C ILE D 202 15.25 11.30 -35.28
N CYS D 203 13.95 11.05 -35.47
CA CYS D 203 13.27 9.98 -34.75
C CYS D 203 13.16 8.77 -35.67
N ASN D 204 13.36 7.59 -35.10
CA ASN D 204 13.36 6.34 -35.84
C ASN D 204 12.13 5.55 -35.43
N VAL D 205 11.12 5.54 -36.28
CA VAL D 205 9.86 4.85 -36.03
C VAL D 205 9.88 3.51 -36.74
N ASN D 206 9.41 2.47 -36.06
CA ASN D 206 9.34 1.10 -36.65
C ASN D 206 8.00 0.44 -36.28
N HIS D 207 7.32 -0.14 -37.27
CA HIS D 207 6.03 -0.85 -37.03
C HIS D 207 6.14 -2.24 -37.65
N LYS D 208 6.78 -3.17 -36.94
CA LYS D 208 7.00 -4.53 -37.47
C LYS D 208 5.71 -5.07 -38.08
N PRO D 209 4.53 -5.03 -37.41
CA PRO D 209 3.33 -5.62 -37.99
C PRO D 209 3.08 -5.16 -39.44
N SER D 210 3.77 -4.10 -39.89
CA SER D 210 3.56 -3.56 -41.25
C SER D 210 4.90 -3.45 -41.97
N ASN D 211 5.95 -4.05 -41.44
CA ASN D 211 7.31 -3.91 -42.02
C ASN D 211 7.52 -2.46 -42.45
N THR D 212 7.25 -1.50 -41.56
CA THR D 212 7.43 -0.09 -41.83
C THR D 212 8.58 0.46 -41.00
N LYS D 213 9.45 1.25 -41.62
CA LYS D 213 10.60 1.84 -40.96
C LYS D 213 10.76 3.26 -41.48
N VAL D 214 10.39 4.24 -40.66
CA VAL D 214 10.41 5.65 -41.04
C VAL D 214 11.52 6.33 -40.25
N ASP D 215 12.34 7.13 -40.94
CA ASP D 215 13.36 7.96 -40.33
C ASP D 215 13.02 9.41 -40.68
N LYS D 216 12.35 10.10 -39.76
CA LYS D 216 11.89 11.47 -39.99
C LYS D 216 12.82 12.44 -39.29
N LYS D 217 13.41 13.35 -40.05
CA LYS D 217 14.22 14.43 -39.48
C LYS D 217 13.31 15.56 -39.03
N VAL D 218 13.46 15.97 -37.77
CA VAL D 218 12.70 17.08 -37.21
C VAL D 218 13.59 18.31 -37.17
N GLU D 219 13.09 19.43 -37.67
CA GLU D 219 13.85 20.67 -37.80
C GLU D 219 13.01 21.83 -37.29
N PRO D 220 13.64 22.88 -36.74
CA PRO D 220 12.94 24.07 -36.27
C PRO D 220 12.11 24.75 -37.37
N SER E 18 -2.61 -4.71 55.23
CA SER E 18 -1.44 -3.86 55.41
C SER E 18 -0.22 -4.49 54.74
N MET E 19 0.50 -3.66 53.98
CA MET E 19 1.68 -4.13 53.22
C MET E 19 2.80 -3.10 53.27
N LYS E 20 4.01 -3.52 52.98
CA LYS E 20 5.17 -2.64 52.96
C LYS E 20 5.97 -2.86 51.69
N TYR E 21 6.15 -1.77 50.94
CA TYR E 21 6.93 -1.83 49.68
C TYR E 21 8.33 -1.29 49.99
N MET E 22 9.33 -1.75 49.26
CA MET E 22 10.72 -1.36 49.48
C MET E 22 11.40 -1.06 48.15
N LEU E 23 12.20 0.02 48.15
CA LEU E 23 13.00 0.38 46.96
C LEU E 23 14.43 0.64 47.43
N VAL E 24 15.40 -0.01 46.82
CA VAL E 24 16.81 0.07 47.22
C VAL E 24 17.62 0.57 46.03
N LYS E 25 18.37 1.66 46.24
CA LYS E 25 19.30 2.16 45.24
C LYS E 25 20.72 1.76 45.65
N ALA E 26 21.34 0.91 44.84
CA ALA E 26 22.72 0.50 45.05
C ALA E 26 23.51 0.77 43.78
N ASP E 27 24.70 1.34 43.93
CA ASP E 27 25.45 1.88 42.81
C ASP E 27 24.56 2.85 42.05
N ASP E 28 24.33 2.60 40.76
CA ASP E 28 23.38 3.40 40.00
C ASP E 28 22.17 2.58 39.56
N TYR E 29 21.89 1.49 40.25
CA TYR E 29 20.73 0.65 39.95
C TYR E 29 19.68 0.81 41.03
N TYR E 30 18.43 0.54 40.67
CA TYR E 30 17.32 0.54 41.61
C TYR E 30 16.71 -0.85 41.69
N PHE E 31 16.42 -1.30 42.90
CA PHE E 31 15.91 -2.64 43.13
C PHE E 31 14.56 -2.53 43.84
N LEU E 32 13.52 -3.12 43.24
CA LEU E 32 12.19 -3.10 43.79
C LEU E 32 11.92 -4.42 44.51
N LEU E 33 11.60 -4.34 45.80
CA LEU E 33 11.33 -5.52 46.61
C LEU E 33 9.83 -5.65 46.83
N PRO E 34 9.20 -6.74 46.32
CA PRO E 34 7.76 -6.89 46.42
C PRO E 34 7.25 -7.16 47.84
N PRO E 35 6.06 -6.63 48.18
CA PRO E 35 5.49 -6.82 49.51
C PRO E 35 5.62 -8.24 50.08
N LYS E 36 5.19 -9.27 49.34
CA LYS E 36 5.22 -10.63 49.88
C LYS E 36 6.58 -10.97 50.45
N ASP E 37 7.64 -10.70 49.69
CA ASP E 37 8.99 -10.93 50.19
C ASP E 37 9.27 -10.08 51.42
N VAL E 38 8.84 -8.81 51.41
CA VAL E 38 9.07 -7.93 52.55
C VAL E 38 8.41 -8.49 53.81
N GLU E 39 7.20 -9.03 53.69
CA GLU E 39 6.54 -9.63 54.85
C GLU E 39 7.30 -10.83 55.36
N LYS E 40 7.86 -11.65 54.46
CA LYS E 40 8.67 -12.78 54.88
C LYS E 40 9.87 -12.34 55.69
N ILE E 41 10.56 -11.27 55.24
CA ILE E 41 11.68 -10.74 56.01
C ILE E 41 11.21 -10.15 57.32
N GLU E 42 10.04 -9.49 57.33
CA GLU E 42 9.52 -8.92 58.56
C GLU E 42 9.30 -10.00 59.61
N SER E 43 8.77 -11.15 59.21
CA SER E 43 8.57 -12.25 60.16
C SER E 43 9.91 -12.85 60.57
N ALA E 44 10.81 -13.05 59.62
CA ALA E 44 12.11 -13.63 59.93
C ALA E 44 12.88 -12.76 60.93
N LEU E 45 12.74 -11.44 60.82
CA LEU E 45 13.44 -10.54 61.72
C LEU E 45 12.72 -10.37 63.05
N LYS E 46 11.45 -10.77 63.14
CA LYS E 46 10.80 -10.88 64.44
C LYS E 46 11.47 -11.95 65.28
N SER E 47 12.00 -12.99 64.64
CA SER E 47 12.54 -14.15 65.33
C SER E 47 14.06 -14.18 65.36
N THR E 48 14.74 -13.45 64.48
CA THR E 48 16.20 -13.40 64.44
C THR E 48 16.65 -11.95 64.33
N ASN E 49 17.96 -11.74 64.31
CA ASN E 49 18.55 -10.41 64.29
C ASN E 49 19.02 -9.96 62.91
N LYS E 50 19.35 -10.90 62.02
CA LYS E 50 19.93 -10.57 60.73
C LYS E 50 19.40 -11.55 59.69
N ALA E 51 19.19 -11.05 58.47
CA ALA E 51 18.60 -11.86 57.40
C ALA E 51 19.37 -11.67 56.11
N VAL E 52 19.65 -12.78 55.43
CA VAL E 52 20.29 -12.76 54.11
C VAL E 52 19.31 -13.43 53.15
N VAL E 53 18.71 -12.63 52.27
CA VAL E 53 17.67 -13.09 51.36
C VAL E 53 18.23 -13.08 49.94
N SER E 54 17.92 -14.13 49.18
CA SER E 54 18.30 -14.22 47.78
C SER E 54 17.11 -13.85 46.91
N PHE E 55 17.41 -13.05 45.90
CA PHE E 55 16.33 -12.52 45.05
C PHE E 55 16.68 -12.83 43.59
N PHE E 56 15.71 -13.37 42.84
CA PHE E 56 15.93 -13.77 41.46
C PHE E 56 15.33 -12.72 40.52
N ASP E 57 16.17 -12.14 39.67
CA ASP E 57 15.75 -11.19 38.65
C ASP E 57 15.39 -12.00 37.40
N LYS E 58 14.08 -12.13 37.13
CA LYS E 58 13.65 -12.94 36.00
C LYS E 58 14.10 -12.34 34.67
N GLU E 59 14.00 -11.02 34.53
CA GLU E 59 14.20 -10.40 33.23
C GLU E 59 15.63 -10.57 32.74
N ASN E 60 16.61 -10.33 33.62
CA ASN E 60 18.01 -10.40 33.25
C ASN E 60 18.68 -11.72 33.61
N ASN E 61 17.95 -12.63 34.26
CA ASN E 61 18.48 -13.91 34.72
C ASN E 61 19.75 -13.70 35.56
N LYS E 62 19.59 -12.90 36.60
CA LYS E 62 20.73 -12.62 37.51
C LYS E 62 20.20 -12.86 38.94
N THR E 63 21.09 -13.28 39.84
CA THR E 63 20.68 -13.57 41.23
C THR E 63 21.43 -12.62 42.17
N TYR E 64 20.75 -12.13 43.20
CA TYR E 64 21.36 -11.15 44.12
C TYR E 64 21.05 -11.54 45.56
N GLU E 65 22.04 -11.38 46.45
CA GLU E 65 21.86 -11.68 47.89
C GLU E 65 21.83 -10.36 48.67
N PHE E 66 20.74 -10.12 49.41
CA PHE E 66 20.54 -8.91 50.18
C PHE E 66 20.71 -9.22 51.66
N THR E 67 21.37 -8.32 52.39
CA THR E 67 21.56 -8.47 53.82
C THR E 67 20.84 -7.34 54.55
N PHE E 68 19.87 -7.71 55.37
CA PHE E 68 19.06 -6.76 56.13
C PHE E 68 19.44 -6.85 57.60
N ASN E 69 19.43 -5.70 58.29
CA ASN E 69 19.51 -5.73 59.74
C ASN E 69 18.09 -5.76 60.31
N LYS E 70 17.99 -5.75 61.64
CA LYS E 70 16.67 -5.83 62.28
C LYS E 70 15.81 -4.61 61.97
N ASP E 71 16.42 -3.48 61.61
CA ASP E 71 15.69 -2.27 61.25
C ASP E 71 15.23 -2.27 59.80
N LEU E 72 15.46 -3.36 59.06
CA LEU E 72 15.02 -3.63 57.70
C LEU E 72 15.75 -2.77 56.65
N VAL E 73 16.72 -1.94 57.06
CA VAL E 73 17.62 -1.36 56.09
C VAL E 73 18.49 -2.47 55.50
N VAL E 74 18.97 -2.27 54.28
CA VAL E 74 19.83 -3.27 53.68
C VAL E 74 21.28 -2.85 53.91
N THR E 75 22.07 -3.77 54.46
CA THR E 75 23.44 -3.45 54.81
C THR E 75 24.36 -3.60 53.61
N GLU E 76 24.18 -4.66 52.83
CA GLU E 76 25.03 -4.93 51.69
C GLU E 76 24.20 -5.60 50.60
N VAL E 77 24.53 -5.28 49.35
CA VAL E 77 23.92 -5.88 48.16
C VAL E 77 25.03 -6.49 47.32
N ARG E 78 24.80 -7.70 46.81
CA ARG E 78 25.85 -8.38 46.00
C ARG E 78 25.22 -9.18 44.87
N GLU E 79 25.94 -9.36 43.75
CA GLU E 79 25.42 -10.22 42.67
C GLU E 79 25.98 -11.64 42.86
N THR E 80 25.11 -12.64 42.83
CA THR E 80 25.56 -14.01 43.15
C THR E 80 25.62 -14.87 41.90
N ASP E 81 26.34 -15.99 41.97
CA ASP E 81 26.39 -16.94 40.84
C ASP E 81 25.31 -17.99 41.05
N LYS E 82 25.63 -19.24 40.79
CA LYS E 82 24.65 -20.34 40.94
C LYS E 82 25.00 -21.11 42.20
N ASN E 83 26.23 -20.95 42.69
CA ASN E 83 26.66 -21.61 43.94
C ASN E 83 26.83 -20.53 45.01
N ARG E 84 25.89 -19.58 45.06
CA ARG E 84 25.94 -18.49 46.07
C ARG E 84 27.32 -17.82 46.05
N GLY E 85 27.84 -17.56 44.87
CA GLY E 85 29.18 -16.94 44.75
C GLY E 85 29.11 -15.50 44.33
N ILE E 86 30.07 -14.69 44.77
CA ILE E 86 30.02 -13.23 44.50
C ILE E 86 30.69 -12.90 43.18
N ILE E 87 29.97 -12.20 42.30
CA ILE E 87 30.54 -11.77 40.99
C ILE E 87 30.80 -10.27 41.10
N LYS E 88 29.84 -9.54 41.69
CA LYS E 88 29.99 -8.06 41.84
C LYS E 88 29.39 -7.61 43.17
N THR E 89 30.04 -6.63 43.82
CA THR E 89 29.52 -6.07 45.09
C THR E 89 29.06 -4.63 44.84
N PHE E 90 27.91 -4.24 45.39
CA PHE E 90 27.38 -2.90 45.26
C PHE E 90 27.52 -2.16 46.58
N SER E 91 27.50 -0.82 46.48
CA SER E 91 27.50 0.05 47.65
C SER E 91 26.09 0.59 47.82
N VAL E 92 25.43 0.20 48.92
CA VAL E 92 24.07 0.66 49.17
C VAL E 92 24.08 2.17 49.36
N LYS E 93 23.31 2.87 48.53
CA LYS E 93 23.18 4.31 48.65
C LYS E 93 21.92 4.73 49.39
N GLU E 94 20.77 4.13 49.07
CA GLU E 94 19.51 4.56 49.68
C GLU E 94 18.58 3.37 49.84
N VAL E 95 17.79 3.41 50.92
CA VAL E 95 16.74 2.44 51.20
C VAL E 95 15.48 3.21 51.55
N LYS E 96 14.36 2.85 50.92
CA LYS E 96 13.11 3.58 51.11
C LYS E 96 11.96 2.62 51.25
N PHE E 97 11.09 2.87 52.22
CA PHE E 97 9.94 2.03 52.54
C PHE E 97 8.65 2.74 52.19
N PHE E 98 7.61 1.97 51.89
CA PHE E 98 6.33 2.52 51.47
C PHE E 98 5.18 1.71 52.05
N ASP E 99 4.19 2.41 52.62
CA ASP E 99 3.06 1.75 53.25
C ASP E 99 1.97 1.34 52.26
N ASN E 100 1.88 2.01 51.11
CA ASN E 100 0.87 1.70 50.11
C ASN E 100 1.47 1.85 48.71
N LYS E 101 0.75 1.34 47.72
CA LYS E 101 1.22 1.37 46.34
C LYS E 101 1.32 2.79 45.81
N GLU E 102 0.45 3.67 46.31
CA GLU E 102 0.40 5.06 45.80
C GLU E 102 1.72 5.78 46.06
N GLU E 103 2.15 5.86 47.31
CA GLU E 103 3.42 6.51 47.61
C GLU E 103 4.56 5.89 46.80
N LEU E 104 4.46 4.60 46.51
CA LEU E 104 5.50 3.96 45.66
C LEU E 104 5.41 4.55 44.25
N LEU E 105 4.19 4.64 43.71
CA LEU E 105 4.04 5.17 42.36
C LEU E 105 4.56 6.61 42.26
N GLU E 106 4.31 7.42 43.29
CA GLU E 106 4.77 8.81 43.26
C GLU E 106 6.29 8.87 43.23
N TYR E 107 6.97 8.01 44.00
CA TYR E 107 8.42 7.96 43.96
C TYR E 107 8.92 7.50 42.60
N ILE E 108 8.28 6.47 42.04
CA ILE E 108 8.71 5.95 40.74
C ILE E 108 8.65 7.03 39.67
N ASN E 109 7.58 7.82 39.66
CA ASN E 109 7.45 8.84 38.64
C ASN E 109 8.53 9.91 38.75
N ASP E 110 9.07 10.11 39.95
CA ASP E 110 10.16 11.04 40.15
C ASP E 110 11.53 10.37 40.05
N LEU E 111 11.58 9.07 39.82
CA LEU E 111 12.86 8.38 39.73
C LEU E 111 13.56 8.74 38.42
N PRO E 112 14.90 8.81 38.42
CA PRO E 112 15.67 9.09 37.21
C PRO E 112 15.79 7.89 36.27
N ILE E 113 14.65 7.28 35.94
CA ILE E 113 14.59 6.10 35.10
C ILE E 113 13.78 6.48 33.86
N SER E 114 13.80 5.59 32.87
CA SER E 114 13.03 5.82 31.62
C SER E 114 11.56 5.50 31.83
N ASN E 115 10.72 5.94 30.90
CA ASN E 115 9.26 5.66 30.96
C ASN E 115 9.04 4.17 30.81
N ASP E 116 9.95 3.49 30.11
CA ASP E 116 9.85 2.02 29.91
C ASP E 116 10.16 1.34 31.25
N ASP E 117 11.00 1.97 32.07
CA ASP E 117 11.30 1.45 33.39
C ASP E 117 10.21 1.81 34.40
N LYS E 118 9.68 3.03 34.31
CA LYS E 118 8.53 3.39 35.15
C LYS E 118 7.34 2.51 34.84
N LYS E 119 7.18 2.14 33.57
CA LYS E 119 6.09 1.25 33.16
C LYS E 119 6.25 -0.13 33.77
N LEU E 120 7.50 -0.62 33.86
CA LEU E 120 7.76 -1.93 34.43
C LEU E 120 7.49 -1.95 35.93
N LEU E 121 8.05 -0.97 36.65
CA LEU E 121 7.91 -0.94 38.12
C LEU E 121 6.45 -0.70 38.53
N SER E 122 5.69 0.04 37.72
CA SER E 122 4.31 0.33 38.07
C SER E 122 3.41 -0.88 37.90
N ASN E 123 3.78 -1.76 36.97
CA ASN E 123 2.89 -2.90 36.64
C ASN E 123 3.37 -4.16 37.36
N ASN E 124 4.58 -4.16 37.92
CA ASN E 124 5.06 -5.41 38.55
C ASN E 124 5.57 -5.14 39.96
N ILE E 125 4.67 -4.79 40.88
CA ILE E 125 5.04 -4.63 42.31
C ILE E 125 5.47 -6.00 42.79
N ASP E 126 4.82 -7.06 42.30
CA ASP E 126 5.03 -8.47 42.75
C ASP E 126 6.45 -9.02 42.54
N GLU E 127 7.14 -8.69 41.46
CA GLU E 127 8.45 -9.35 41.21
C GLU E 127 9.69 -8.52 41.61
N PHE E 128 10.80 -9.18 41.96
CA PHE E 128 12.07 -8.50 42.17
C PHE E 128 12.53 -7.89 40.86
N LEU E 129 12.56 -6.56 40.81
CA LEU E 129 12.85 -5.84 39.56
C LEU E 129 14.10 -4.99 39.72
N VAL E 130 14.93 -4.98 38.68
CA VAL E 130 16.17 -4.23 38.67
C VAL E 130 16.17 -3.32 37.45
N VAL E 131 16.24 -2.02 37.68
CA VAL E 131 16.33 -1.04 36.60
C VAL E 131 17.55 -0.16 36.86
N LYS E 132 18.01 0.49 35.79
CA LYS E 132 19.22 1.29 35.83
C LYS E 132 18.87 2.77 35.89
N ALA E 133 19.77 3.56 36.46
CA ALA E 133 19.64 5.01 36.41
C ALA E 133 19.91 5.51 34.99
N LYS E 134 19.20 6.57 34.61
CA LYS E 134 19.33 7.13 33.27
C LYS E 134 20.28 8.31 33.27
N MET F 19 28.60 -46.54 -11.16
CA MET F 19 28.01 -45.65 -10.16
C MET F 19 26.49 -45.73 -10.22
N LYS F 20 25.94 -46.73 -9.51
CA LYS F 20 24.52 -47.04 -9.54
C LYS F 20 23.75 -46.26 -8.47
N TYR F 21 22.53 -45.89 -8.81
CA TYR F 21 21.64 -45.25 -7.83
C TYR F 21 20.49 -46.23 -7.67
N MET F 22 19.79 -46.20 -6.54
CA MET F 22 18.72 -47.20 -6.31
C MET F 22 17.52 -46.52 -5.68
N LEU F 23 16.31 -46.84 -6.17
CA LEU F 23 15.08 -46.28 -5.59
C LEU F 23 14.22 -47.44 -5.09
N VAL F 24 13.70 -47.33 -3.87
CA VAL F 24 12.90 -48.43 -3.26
C VAL F 24 11.50 -47.93 -2.95
N LYS F 25 10.49 -48.63 -3.44
CA LYS F 25 9.10 -48.31 -3.15
C LYS F 25 8.63 -49.30 -2.09
N ALA F 26 8.46 -48.81 -0.86
CA ALA F 26 8.01 -49.63 0.26
C ALA F 26 6.88 -48.91 0.96
N ASP F 27 5.82 -49.64 1.25
CA ASP F 27 4.62 -48.98 1.79
C ASP F 27 4.26 -47.93 0.73
N ASP F 28 3.75 -46.79 1.14
CA ASP F 28 3.46 -45.72 0.19
C ASP F 28 4.62 -44.72 0.06
N TYR F 29 5.79 -45.10 0.56
CA TYR F 29 6.96 -44.22 0.59
C TYR F 29 7.98 -44.65 -0.46
N TYR F 30 8.81 -43.70 -0.86
CA TYR F 30 9.91 -43.95 -1.78
C TYR F 30 11.23 -43.61 -1.08
N PHE F 31 12.22 -44.45 -1.32
CA PHE F 31 13.53 -44.27 -0.67
C PHE F 31 14.58 -44.19 -1.77
N LEU F 32 15.47 -43.22 -1.67
CA LEU F 32 16.55 -43.11 -2.66
C LEU F 32 17.84 -43.50 -1.95
N LEU F 33 18.59 -44.41 -2.55
CA LEU F 33 19.90 -44.79 -1.98
C LEU F 33 20.95 -44.31 -2.97
N PRO F 34 21.74 -43.28 -2.62
CA PRO F 34 22.79 -42.78 -3.51
C PRO F 34 23.87 -43.84 -3.75
N PRO F 35 24.79 -43.61 -4.69
CA PRO F 35 25.86 -44.60 -4.90
C PRO F 35 26.68 -44.89 -3.67
N LYS F 36 26.82 -43.93 -2.75
CA LYS F 36 27.58 -44.18 -1.53
C LYS F 36 26.93 -45.27 -0.69
N ASP F 37 25.60 -45.25 -0.56
CA ASP F 37 24.90 -46.32 0.15
C ASP F 37 25.03 -47.64 -0.59
N VAL F 38 24.84 -47.60 -1.91
CA VAL F 38 25.02 -48.79 -2.74
C VAL F 38 26.39 -49.41 -2.49
N GLU F 39 27.43 -48.58 -2.41
CA GLU F 39 28.76 -49.11 -2.14
C GLU F 39 28.84 -49.74 -0.75
N LYS F 40 28.17 -49.15 0.23
CA LYS F 40 28.17 -49.72 1.58
C LYS F 40 27.46 -51.07 1.60
N ILE F 41 26.41 -51.22 0.78
CA ILE F 41 25.77 -52.52 0.64
C ILE F 41 26.71 -53.52 -0.01
N GLU F 42 27.47 -53.07 -1.02
CA GLU F 42 28.37 -53.98 -1.72
C GLU F 42 29.44 -54.54 -0.79
N SER F 43 29.89 -53.74 0.19
CA SER F 43 30.84 -54.24 1.17
C SER F 43 30.18 -55.24 2.11
N ALA F 44 28.99 -54.90 2.61
CA ALA F 44 28.29 -55.79 3.54
C ALA F 44 27.94 -57.12 2.88
N LEU F 45 27.60 -57.10 1.60
CA LEU F 45 27.23 -58.31 0.89
C LEU F 45 28.43 -59.15 0.45
N LYS F 46 29.65 -58.62 0.57
CA LYS F 46 30.86 -59.38 0.27
C LYS F 46 31.31 -60.21 1.45
N SER F 47 30.89 -59.88 2.67
CA SER F 47 31.16 -60.72 3.83
C SER F 47 30.09 -61.78 4.09
N THR F 48 28.85 -61.54 3.67
CA THR F 48 27.75 -62.44 3.99
C THR F 48 26.69 -62.39 2.89
N ASN F 49 25.74 -63.31 2.97
CA ASN F 49 24.63 -63.35 2.03
C ASN F 49 23.40 -62.60 2.51
N LYS F 50 23.42 -62.10 3.74
CA LYS F 50 22.28 -61.35 4.29
C LYS F 50 22.76 -60.21 5.16
N VAL F 52 22.29 -56.35 7.03
CA VAL F 52 21.50 -55.27 7.59
C VAL F 52 22.30 -53.97 7.59
N VAL F 53 21.89 -53.03 6.75
CA VAL F 53 22.57 -51.74 6.61
C VAL F 53 21.65 -50.64 7.10
N SER F 54 22.19 -49.74 7.92
CA SER F 54 21.44 -48.64 8.51
C SER F 54 21.67 -47.37 7.71
N PHE F 55 20.62 -46.56 7.56
CA PHE F 55 20.67 -45.33 6.79
C PHE F 55 20.03 -44.20 7.59
N PHE F 56 20.53 -42.99 7.36
CA PHE F 56 20.08 -41.80 8.07
C PHE F 56 19.51 -40.80 7.08
N ASP F 57 18.22 -40.49 7.22
CA ASP F 57 17.56 -39.47 6.40
C ASP F 57 17.75 -38.12 7.09
N LYS F 58 18.65 -37.31 6.54
CA LYS F 58 18.99 -36.04 7.19
C LYS F 58 17.77 -35.14 7.32
N GLU F 59 16.96 -35.06 6.26
CA GLU F 59 15.88 -34.08 6.21
C GLU F 59 14.91 -34.24 7.37
N ASN F 60 14.45 -35.47 7.61
CA ASN F 60 13.51 -35.74 8.68
C ASN F 60 14.17 -36.18 9.97
N ASN F 61 15.50 -36.31 9.97
CA ASN F 61 16.25 -36.87 11.10
C ASN F 61 15.63 -38.20 11.55
N LYS F 62 15.68 -39.16 10.64
CA LYS F 62 15.13 -40.48 10.89
C LYS F 62 16.14 -41.54 10.49
N THR F 63 16.06 -42.69 11.15
CA THR F 63 16.98 -43.79 10.92
C THR F 63 16.22 -45.00 10.38
N TYR F 64 16.82 -45.69 9.41
CA TYR F 64 16.22 -46.86 8.80
C TYR F 64 17.28 -47.93 8.62
N GLU F 65 16.91 -49.18 8.89
CA GLU F 65 17.73 -50.34 8.58
C GLU F 65 17.11 -51.12 7.44
N PHE F 66 17.95 -51.55 6.49
CA PHE F 66 17.52 -52.32 5.34
C PHE F 66 18.17 -53.69 5.39
N THR F 67 17.33 -54.72 5.22
CA THR F 67 17.83 -56.10 5.21
C THR F 67 18.01 -56.46 3.75
N PHE F 68 19.24 -56.74 3.35
CA PHE F 68 19.51 -56.98 1.92
C PHE F 68 20.00 -58.41 1.67
N ASN F 69 19.47 -59.09 0.65
CA ASN F 69 20.03 -60.43 0.28
C ASN F 69 21.12 -60.18 -0.79
N LYS F 70 21.89 -61.20 -1.15
CA LYS F 70 23.04 -61.00 -2.07
C LYS F 70 22.56 -60.50 -3.44
N ASP F 71 21.23 -60.50 -3.66
CA ASP F 71 20.67 -60.05 -4.96
C ASP F 71 20.08 -58.65 -4.79
N LEU F 72 20.54 -57.91 -3.78
CA LEU F 72 20.07 -56.51 -3.58
C LEU F 72 18.55 -56.53 -3.48
N VAL F 73 18.00 -57.63 -3.02
CA VAL F 73 16.52 -57.71 -2.81
C VAL F 73 16.24 -57.22 -1.40
N VAL F 74 15.61 -56.05 -1.27
CA VAL F 74 15.23 -55.52 0.06
C VAL F 74 14.24 -56.49 0.68
N THR F 75 14.70 -57.31 1.61
CA THR F 75 13.84 -58.34 2.22
C THR F 75 12.95 -57.67 3.26
N GLU F 76 13.42 -56.62 3.91
CA GLU F 76 12.55 -55.87 4.86
C GLU F 76 13.16 -54.51 5.18
N VAL F 77 12.30 -53.51 5.43
CA VAL F 77 12.78 -52.15 5.79
C VAL F 77 12.06 -51.76 7.08
N ARG F 78 12.80 -51.16 8.01
CA ARG F 78 12.26 -50.79 9.30
C ARG F 78 12.84 -49.45 9.75
N GLU F 79 12.03 -48.76 10.56
CA GLU F 79 12.46 -47.47 11.15
C GLU F 79 12.95 -47.77 12.56
N THR F 80 14.16 -47.33 12.89
CA THR F 80 14.79 -47.60 14.18
C THR F 80 15.02 -46.29 14.95
N ASP F 81 15.19 -46.43 16.27
CA ASP F 81 15.47 -45.27 17.12
C ASP F 81 16.52 -45.64 18.15
N LYS F 82 17.25 -44.63 18.61
CA LYS F 82 18.23 -44.76 19.71
C LYS F 82 19.21 -45.86 19.28
N ASN F 83 19.47 -46.87 20.11
CA ASN F 83 20.36 -47.95 19.70
C ASN F 83 19.80 -48.72 18.51
N ARG F 84 18.58 -49.23 18.70
CA ARG F 84 17.88 -49.96 17.62
C ARG F 84 16.39 -49.89 17.93
N GLY F 85 15.54 -50.41 17.05
CA GLY F 85 14.10 -50.48 17.34
C GLY F 85 13.29 -50.73 16.09
N ILE F 86 11.99 -50.76 16.23
CA ILE F 86 11.12 -51.05 15.08
C ILE F 86 9.93 -50.07 15.13
N ILE F 87 10.22 -48.77 15.00
CA ILE F 87 9.14 -47.76 15.13
C ILE F 87 8.00 -48.05 14.14
N LYS F 88 8.37 -48.42 12.91
CA LYS F 88 7.38 -48.78 11.86
C LYS F 88 8.03 -49.77 10.90
N THR F 89 7.29 -50.77 10.46
CA THR F 89 7.87 -51.71 9.47
C THR F 89 7.24 -51.43 8.11
N PHE F 90 8.08 -51.32 7.07
CA PHE F 90 7.59 -51.00 5.70
C PHE F 90 7.58 -52.26 4.83
N SER F 91 6.64 -52.35 3.89
CA SER F 91 6.52 -53.55 3.02
C SER F 91 7.16 -53.26 1.66
N VAL F 92 8.18 -54.02 1.28
CA VAL F 92 8.84 -53.70 0.01
C VAL F 92 7.89 -54.02 -1.13
N LYS F 93 7.61 -53.03 -1.98
CA LYS F 93 6.74 -53.21 -3.13
C LYS F 93 7.49 -53.29 -4.45
N GLU F 94 8.54 -52.48 -4.63
CA GLU F 94 9.34 -52.50 -5.84
C GLU F 94 10.75 -52.03 -5.52
N VAL F 95 11.69 -52.44 -6.34
CA VAL F 95 13.08 -51.95 -6.21
C VAL F 95 13.53 -51.67 -7.63
N LYS F 96 14.22 -50.56 -7.85
CA LYS F 96 14.63 -50.16 -9.21
C LYS F 96 16.07 -49.67 -9.14
N PHE F 97 16.86 -49.92 -10.17
CA PHE F 97 18.27 -49.50 -10.20
C PHE F 97 18.49 -48.55 -11.37
N PHE F 98 19.55 -47.77 -11.35
CA PHE F 98 19.83 -46.79 -12.40
C PHE F 98 21.34 -46.63 -12.60
N ASP F 99 21.78 -46.82 -13.86
CA ASP F 99 23.20 -46.67 -14.22
C ASP F 99 23.64 -45.22 -14.32
N ASN F 100 22.70 -44.27 -14.41
CA ASN F 100 23.07 -42.88 -14.56
C ASN F 100 22.04 -42.00 -13.84
N LYS F 101 22.42 -40.75 -13.64
CA LYS F 101 21.54 -39.75 -13.04
C LYS F 101 20.32 -39.49 -13.91
N GLU F 102 20.46 -39.68 -15.22
CA GLU F 102 19.45 -39.22 -16.17
C GLU F 102 18.24 -40.15 -16.21
N GLU F 103 18.48 -41.46 -16.33
CA GLU F 103 17.39 -42.42 -16.19
C GLU F 103 16.68 -42.27 -14.85
N LEU F 104 17.43 -41.91 -13.81
CA LEU F 104 16.83 -41.62 -12.52
C LEU F 104 15.88 -40.42 -12.62
N LEU F 105 16.42 -39.26 -13.02
CA LEU F 105 15.63 -38.04 -13.09
C LEU F 105 14.37 -38.22 -13.93
N GLU F 106 14.48 -38.93 -15.07
CA GLU F 106 13.31 -39.18 -15.89
C GLU F 106 12.28 -40.01 -15.13
N TYR F 107 12.76 -40.94 -14.29
CA TYR F 107 11.84 -41.72 -13.46
C TYR F 107 11.20 -40.86 -12.39
N ILE F 108 11.99 -40.00 -11.75
CA ILE F 108 11.44 -39.10 -10.73
C ILE F 108 10.35 -38.23 -11.32
N ASN F 109 10.55 -37.76 -12.56
CA ASN F 109 9.59 -36.84 -13.17
C ASN F 109 8.24 -37.50 -13.42
N ASP F 110 8.18 -38.84 -13.41
CA ASP F 110 6.93 -39.57 -13.55
C ASP F 110 6.50 -40.21 -12.23
N LEU F 111 7.34 -40.16 -11.21
CA LEU F 111 6.96 -40.72 -9.92
C LEU F 111 5.75 -39.95 -9.39
N PRO F 112 4.76 -40.63 -8.77
CA PRO F 112 3.55 -39.92 -8.33
C PRO F 112 3.78 -39.09 -7.07
N ILE F 113 4.68 -38.11 -7.17
CA ILE F 113 5.05 -37.26 -6.05
C ILE F 113 4.80 -35.81 -6.43
N SER F 114 4.74 -34.96 -5.41
CA SER F 114 4.56 -33.53 -5.63
C SER F 114 5.79 -32.93 -6.27
N ASN F 115 5.60 -31.75 -6.87
CA ASN F 115 6.71 -31.06 -7.53
C ASN F 115 7.79 -30.68 -6.52
N ASP F 116 7.35 -30.45 -5.30
CA ASP F 116 8.30 -30.06 -4.22
C ASP F 116 9.19 -31.26 -3.93
N ASP F 117 8.66 -32.47 -4.07
CA ASP F 117 9.44 -33.69 -3.84
C ASP F 117 10.37 -33.97 -5.02
N LYS F 118 9.87 -33.78 -6.26
CA LYS F 118 10.73 -33.92 -7.43
C LYS F 118 11.92 -32.96 -7.35
N LYS F 119 11.67 -31.75 -6.84
CA LYS F 119 12.75 -30.75 -6.71
C LYS F 119 13.73 -31.21 -5.64
N LEU F 120 13.20 -31.76 -4.55
CA LEU F 120 14.05 -32.19 -3.44
C LEU F 120 14.97 -33.33 -3.86
N LEU F 121 14.41 -34.37 -4.46
CA LEU F 121 15.23 -35.50 -4.89
C LEU F 121 16.25 -35.09 -5.94
N SER F 122 15.84 -34.24 -6.89
CA SER F 122 16.74 -33.85 -7.97
C SER F 122 17.94 -33.06 -7.47
N ASN F 123 17.80 -32.33 -6.36
CA ASN F 123 18.88 -31.48 -5.87
C ASN F 123 19.81 -32.18 -4.90
N ASN F 124 19.37 -33.29 -4.30
CA ASN F 124 20.17 -34.06 -3.34
C ASN F 124 20.14 -35.54 -3.69
N ILE F 125 20.32 -35.83 -4.99
CA ILE F 125 20.36 -37.20 -5.49
C ILE F 125 21.42 -38.03 -4.80
N ASP F 126 22.50 -37.41 -4.33
CA ASP F 126 23.60 -38.13 -3.72
C ASP F 126 23.53 -38.12 -2.20
N GLU F 127 22.33 -38.06 -1.65
CA GLU F 127 22.09 -38.18 -0.22
C GLU F 127 20.83 -38.99 0.02
N PHE F 128 20.84 -39.76 1.10
CA PHE F 128 19.72 -40.65 1.40
C PHE F 128 18.47 -39.84 1.69
N LEU F 129 17.41 -40.09 0.92
CA LEU F 129 16.19 -39.29 1.00
C LEU F 129 14.97 -40.20 1.03
N VAL F 130 13.89 -39.67 1.59
CA VAL F 130 12.61 -40.37 1.72
C VAL F 130 11.50 -39.39 1.31
N VAL F 131 10.58 -39.85 0.47
CA VAL F 131 9.43 -39.06 0.06
C VAL F 131 8.19 -39.94 0.09
N LYS F 132 7.04 -39.31 0.28
CA LYS F 132 5.75 -39.99 0.30
C LYS F 132 5.02 -39.77 -1.02
N ALA F 133 4.22 -40.77 -1.40
CA ALA F 133 3.41 -40.67 -2.61
C ALA F 133 2.07 -40.03 -2.28
N LYS F 134 1.43 -39.48 -3.32
CA LYS F 134 0.08 -38.96 -3.19
C LYS F 134 -0.88 -39.78 -4.04
K K G . 0.05 10.31 4.45
K K H . -5.49 20.60 41.64
K K I . -3.37 -4.89 -9.38
K K J . 22.53 4.03 53.89
#